data_2P1O
#
_entry.id   2P1O
#
_cell.length_a   101.971
_cell.length_b   82.456
_cell.length_c   125.320
_cell.angle_alpha   90.00
_cell.angle_beta   103.84
_cell.angle_gamma   90.00
#
_symmetry.space_group_name_H-M   'C 1 2 1'
#
loop_
_entity.id
_entity.type
_entity.pdbx_description
1 polymer 'SKP1-like protein 1A'
2 polymer 'TRANSPORT INHIBITOR RESPONSE 1 protein'
3 polymer 'Auxin-responsive protein IAA7'
4 non-polymer 'INOSITOL HEXAKISPHOSPHATE'
5 non-polymer 'NAPHTHALEN-1-YL-ACETIC ACID'
6 water water
#
loop_
_entity_poly.entity_id
_entity_poly.type
_entity_poly.pdbx_seq_one_letter_code
_entity_poly.pdbx_strand_id
1 'polypeptide(L)'
;MSAKKIVLKSSDGESFEVEEAVALESQTIAHMVEDDCVDNGVPLPNVTSKILAKVIEYCKRHVEAAASKAEAVEGAATSD
DDLKAWDADFMKIDQATLFELILAANYLNIKNLLDLTCQTVADMIKGKTPEEIRTTFNIKNDFTPEEEEEVRRENQWAFE
;
A
2 'polypeptide(L)'
;MQKRIALSFPEEVLEHVFSFIQLDKDRNSVSLVCKSWYEIERWCRRKVFIGNCYAVSPATVIRRFPKVRSVELKGKPHFA
DFNLVPDGWGGYVYPWIEAMSSSYTWLEEIRLKRMVVTDDCLELIAKSFKNFKVLVLSSCEGFSTDGLAAIAATCRNLKE
LDLRESDVDDVSGHWLSHFPDTYTSLVSLNISCLASEVSFSALERLVTRCPNLKSLKLNRAVPLEKLATLLQRAPQLEEL
GTGGYTAEVRPDVYSGLSVALSGCKELRCLSGFWDAVPAYLPAVYSVCSRLTTLNLSYATVQSYDLVKLLCQCPKLQRLW
VLDYIEDAGLEVLASTCKDLRELRVFPSEPFVMEPNVALTEQGLVSVSMGCPKLESVLYFCRQMTNAALITIARNRPNMT
RFRLCIIEPKAPDYLTLEPLDIGFGAIVEHCKDLRRLSLSGLLTDKVFEYIGTYAKKMEMLSVAFAGDSDLGMHHVLSGC
DSLRKLEIRDCPFGDKALLANASKLETMRSLWMSSCSVSFGACKLLGQKMPKLNVEVIDERGAPDSRPESCPVERVFIYR
TVAGPRFDMPGFVWNMDQDSTMRFSRQIITTNGL
;
B
3 'polypeptide(L)' QVVGWPPVRNYRK C
#
loop_
_chem_comp.id
_chem_comp.type
_chem_comp.name
_chem_comp.formula
IHP non-polymer 'INOSITOL HEXAKISPHOSPHATE' 'C6 H18 O24 P6'
NLA non-polymer 'NAPHTHALEN-1-YL-ACETIC ACID' 'C12 H10 O2'
#
# COMPACT_ATOMS: atom_id res chain seq x y z
N LYS A 5 -5.56 44.94 -31.31
CA LYS A 5 -5.71 44.62 -32.76
C LYS A 5 -6.84 43.60 -33.01
N ILE A 6 -7.35 42.96 -31.94
CA ILE A 6 -8.66 42.31 -32.02
C ILE A 6 -9.63 42.97 -31.02
N VAL A 7 -10.86 43.22 -31.46
CA VAL A 7 -11.89 43.79 -30.60
C VAL A 7 -12.89 42.72 -30.16
N LEU A 8 -13.01 42.54 -28.85
CA LEU A 8 -13.97 41.60 -28.28
C LEU A 8 -15.11 42.40 -27.70
N LYS A 9 -16.34 41.95 -27.95
CA LYS A 9 -17.52 42.60 -27.39
C LYS A 9 -18.21 41.69 -26.34
N SER A 10 -18.30 42.16 -25.09
CA SER A 10 -18.93 41.38 -24.01
C SER A 10 -20.45 41.28 -24.18
N SER A 11 -21.09 40.47 -23.31
CA SER A 11 -22.56 40.32 -23.36
C SER A 11 -23.25 41.66 -23.06
N ASP A 12 -22.46 42.57 -22.50
CA ASP A 12 -22.94 43.89 -22.08
C ASP A 12 -22.78 44.88 -23.21
N GLY A 13 -22.28 44.40 -24.34
CA GLY A 13 -22.06 45.23 -25.51
C GLY A 13 -20.93 46.22 -25.39
N GLU A 14 -20.02 46.00 -24.45
CA GLU A 14 -18.83 46.82 -24.33
C GLU A 14 -17.64 46.24 -25.06
N SER A 15 -16.86 47.11 -25.70
CA SER A 15 -15.70 46.72 -26.49
C SER A 15 -14.39 46.71 -25.71
N PHE A 16 -13.64 45.62 -25.88
CA PHE A 16 -12.33 45.40 -25.28
C PHE A 16 -11.34 45.27 -26.44
N GLU A 17 -10.23 45.99 -26.40
CA GLU A 17 -9.21 45.81 -27.44
C GLU A 17 -8.00 45.08 -26.89
N VAL A 18 -7.65 43.97 -27.53
CA VAL A 18 -6.53 43.12 -27.11
C VAL A 18 -5.59 42.81 -28.26
N GLU A 19 -4.32 42.55 -27.90
CA GLU A 19 -3.33 42.02 -28.84
C GLU A 19 -3.85 40.70 -29.40
N GLU A 20 -3.51 40.45 -30.66
CA GLU A 20 -3.86 39.20 -31.36
C GLU A 20 -3.50 37.94 -30.56
N ALA A 21 -2.27 37.90 -30.04
CA ALA A 21 -1.81 36.75 -29.26
C ALA A 21 -2.65 36.51 -28.01
N VAL A 22 -3.11 37.61 -27.39
CA VAL A 22 -3.97 37.49 -26.21
C VAL A 22 -5.33 36.88 -26.59
N ALA A 23 -6.00 37.39 -27.61
CA ALA A 23 -7.30 36.85 -28.00
C ALA A 23 -7.23 35.41 -28.46
N LEU A 24 -6.11 35.03 -29.10
CA LEU A 24 -5.96 33.69 -29.67
C LEU A 24 -5.65 32.63 -28.61
N GLU A 25 -5.46 33.07 -27.36
CA GLU A 25 -5.44 32.15 -26.20
C GLU A 25 -6.74 31.38 -26.04
N SER A 26 -7.83 31.97 -26.54
CA SER A 26 -9.15 31.34 -26.58
C SER A 26 -9.27 30.59 -27.89
N GLN A 27 -9.55 29.29 -27.84
CA GLN A 27 -9.76 28.49 -29.06
C GLN A 27 -11.08 28.90 -29.72
N THR A 28 -12.07 29.23 -28.89
CA THR A 28 -13.36 29.72 -29.35
C THR A 28 -13.19 31.02 -30.17
N ILE A 29 -12.51 32.00 -29.60
CA ILE A 29 -12.23 33.24 -30.33
C ILE A 29 -11.38 32.96 -31.58
N ALA A 30 -10.42 32.05 -31.43
CA ALA A 30 -9.47 31.69 -32.49
C ALA A 30 -10.17 31.31 -33.78
N HIS A 31 -11.29 30.61 -33.67
CA HIS A 31 -11.96 30.13 -34.87
C HIS A 31 -13.08 31.02 -35.37
N MET A 32 -13.54 31.92 -34.50
CA MET A 32 -14.40 33.04 -34.92
C MET A 32 -13.54 34.05 -35.67
N VAL A 33 -12.29 34.16 -35.27
CA VAL A 33 -11.28 34.96 -35.98
C VAL A 33 -10.88 34.37 -37.34
N GLU A 34 -10.60 33.06 -37.37
CA GLU A 34 -10.29 32.32 -38.61
C GLU A 34 -11.45 32.37 -39.63
N ASP A 35 -12.45 33.19 -39.32
CA ASP A 35 -13.43 33.67 -40.30
C ASP A 35 -13.07 35.09 -40.73
N ASP A 39 -13.89 44.96 -39.61
CA ASP A 39 -14.46 43.92 -38.76
C ASP A 39 -15.08 44.57 -37.52
N ASN A 40 -16.34 44.24 -37.25
CA ASN A 40 -17.11 44.88 -36.20
C ASN A 40 -16.56 44.60 -34.80
N GLY A 41 -16.31 43.32 -34.55
CA GLY A 41 -15.78 42.86 -33.27
C GLY A 41 -16.33 41.48 -33.02
N VAL A 42 -15.59 40.68 -32.27
CA VAL A 42 -16.02 39.34 -31.92
C VAL A 42 -17.10 39.44 -30.83
N PRO A 43 -18.38 39.20 -31.16
CA PRO A 43 -19.40 39.22 -30.10
C PRO A 43 -19.31 38.00 -29.18
N LEU A 44 -19.48 38.22 -27.89
CA LEU A 44 -19.39 37.12 -26.92
C LEU A 44 -20.62 37.10 -25.98
N PRO A 45 -21.76 36.59 -26.47
CA PRO A 45 -23.05 36.64 -25.74
C PRO A 45 -23.05 36.00 -24.34
N ASN A 46 -22.12 35.08 -24.10
CA ASN A 46 -22.10 34.30 -22.87
C ASN A 46 -21.06 34.75 -21.85
N VAL A 47 -20.43 35.92 -22.10
CA VAL A 47 -19.41 36.42 -21.21
C VAL A 47 -19.66 37.91 -20.94
N THR A 48 -19.79 38.20 -19.67
CA THR A 48 -20.09 39.50 -19.09
C THR A 48 -18.85 40.43 -19.16
N SER A 49 -19.02 41.76 -19.13
CA SER A 49 -17.84 42.65 -19.08
C SER A 49 -16.94 42.39 -17.88
N LYS A 50 -17.55 42.13 -16.72
CA LYS A 50 -16.77 41.96 -15.53
C LYS A 50 -15.83 40.76 -15.69
N ILE A 51 -16.37 39.67 -16.23
CA ILE A 51 -15.60 38.41 -16.32
C ILE A 51 -14.66 38.41 -17.52
N LEU A 52 -15.10 39.00 -18.63
CA LEU A 52 -14.21 39.18 -19.79
C LEU A 52 -12.96 39.95 -19.39
N ALA A 53 -13.13 40.98 -18.54
CA ALA A 53 -12.01 41.73 -17.98
C ALA A 53 -11.01 40.81 -17.25
N LYS A 54 -11.53 39.93 -16.40
CA LYS A 54 -10.67 39.00 -15.63
C LYS A 54 -9.96 38.01 -16.55
N VAL A 55 -10.68 37.51 -17.55
CA VAL A 55 -10.12 36.58 -18.54
C VAL A 55 -8.98 37.23 -19.31
N ILE A 56 -9.21 38.47 -19.75
CA ILE A 56 -8.17 39.24 -20.42
C ILE A 56 -6.93 39.46 -19.55
N GLU A 57 -7.11 39.84 -18.27
CA GLU A 57 -6.00 39.98 -17.32
C GLU A 57 -5.17 38.70 -17.31
N TYR A 58 -5.87 37.58 -17.21
CA TYR A 58 -5.23 36.28 -17.15
C TYR A 58 -4.41 36.04 -18.42
N CYS A 59 -5.05 36.20 -19.57
CA CYS A 59 -4.41 35.89 -20.83
C CYS A 59 -3.24 36.81 -21.15
N LYS A 60 -3.39 38.10 -20.82
CA LYS A 60 -2.28 39.05 -20.98
C LYS A 60 -1.04 38.59 -20.21
N ARG A 61 -1.24 38.31 -18.93
CA ARG A 61 -0.16 37.92 -18.03
C ARG A 61 0.52 36.64 -18.49
N HIS A 62 -0.27 35.65 -18.91
CA HIS A 62 0.32 34.39 -19.36
C HIS A 62 0.98 34.49 -20.74
N VAL A 63 0.47 35.39 -21.57
CA VAL A 63 1.09 35.73 -22.86
C VAL A 63 2.43 36.46 -22.66
N GLU A 64 2.48 37.36 -21.68
CA GLU A 64 3.75 37.92 -21.25
C GLU A 64 4.69 36.80 -20.84
N MET A 91 -6.69 34.23 -8.00
CA MET A 91 -7.83 33.43 -7.60
C MET A 91 -8.35 33.88 -6.24
N LYS A 92 -7.78 34.96 -5.73
CA LYS A 92 -8.26 35.55 -4.49
C LYS A 92 -9.55 36.31 -4.80
N ILE A 93 -10.48 35.61 -5.45
CA ILE A 93 -11.76 36.14 -5.85
C ILE A 93 -12.81 35.37 -5.08
N ASP A 94 -14.05 35.83 -5.12
CA ASP A 94 -15.09 35.19 -4.34
C ASP A 94 -15.74 34.03 -5.07
N GLN A 95 -16.59 33.29 -4.36
CA GLN A 95 -17.23 32.10 -4.94
C GLN A 95 -18.03 32.35 -6.21
N ALA A 96 -18.90 33.36 -6.19
CA ALA A 96 -19.79 33.63 -7.33
C ALA A 96 -19.03 34.02 -8.60
N THR A 97 -17.92 34.75 -8.41
CA THR A 97 -17.03 35.13 -9.51
C THR A 97 -16.25 33.92 -10.06
N LEU A 98 -15.78 33.05 -9.17
CA LEU A 98 -15.15 31.79 -9.58
C LEU A 98 -16.10 30.99 -10.49
N PHE A 99 -17.34 30.82 -10.06
CA PHE A 99 -18.29 30.02 -10.82
C PHE A 99 -18.53 30.58 -12.22
N GLU A 100 -18.54 31.90 -12.33
CA GLU A 100 -18.70 32.58 -13.60
C GLU A 100 -17.40 32.54 -14.45
N LEU A 101 -16.24 32.54 -13.78
CA LEU A 101 -14.94 32.47 -14.46
C LEU A 101 -14.74 31.10 -15.12
N ILE A 102 -15.08 30.02 -14.39
CA ILE A 102 -14.98 28.67 -14.97
C ILE A 102 -15.85 28.57 -16.21
N LEU A 103 -17.11 28.99 -16.11
CA LEU A 103 -18.04 28.94 -17.23
C LEU A 103 -17.52 29.68 -18.46
N ALA A 104 -16.84 30.82 -18.24
CA ALA A 104 -16.21 31.59 -19.32
C ALA A 104 -15.00 30.87 -19.90
N ALA A 105 -14.14 30.35 -19.03
CA ALA A 105 -12.96 29.60 -19.47
C ALA A 105 -13.38 28.42 -20.32
N ASN A 106 -14.49 27.78 -19.95
CA ASN A 106 -15.03 26.65 -20.71
C ASN A 106 -15.67 27.12 -22.03
N TYR A 107 -16.47 28.18 -21.95
CA TYR A 107 -17.09 28.76 -23.14
C TYR A 107 -16.06 29.27 -24.14
N LEU A 108 -15.03 29.95 -23.65
CA LEU A 108 -13.97 30.52 -24.47
C LEU A 108 -12.87 29.50 -24.82
N ASN A 109 -12.92 28.32 -24.19
CA ASN A 109 -11.96 27.27 -24.46
C ASN A 109 -10.53 27.73 -24.25
N ILE A 110 -10.27 28.20 -23.04
CA ILE A 110 -8.97 28.69 -22.64
C ILE A 110 -8.45 27.63 -21.66
N LYS A 111 -7.65 26.71 -22.20
CA LYS A 111 -7.20 25.50 -21.50
C LYS A 111 -6.48 25.77 -20.19
N ASN A 112 -5.49 26.66 -20.19
CA ASN A 112 -4.71 26.93 -18.96
C ASN A 112 -5.54 27.58 -17.86
N LEU A 113 -6.46 28.47 -18.26
CA LEU A 113 -7.38 29.09 -17.32
C LEU A 113 -8.39 28.07 -16.77
N LEU A 114 -8.94 27.23 -17.65
CA LEU A 114 -9.82 26.14 -17.23
C LEU A 114 -9.16 25.27 -16.16
N ASP A 115 -7.89 24.92 -16.36
CA ASP A 115 -7.12 24.11 -15.38
C ASP A 115 -7.01 24.79 -14.04
N LEU A 116 -6.59 26.05 -14.04
CA LEU A 116 -6.42 26.81 -12.80
C LEU A 116 -7.71 26.93 -11.98
N THR A 117 -8.80 27.28 -12.66
CA THR A 117 -10.09 27.41 -12.00
C THR A 117 -10.65 26.06 -11.56
N CYS A 118 -10.55 25.05 -12.43
CA CYS A 118 -10.99 23.70 -12.04
C CYS A 118 -10.17 23.16 -10.86
N GLN A 119 -8.88 23.46 -10.83
CA GLN A 119 -8.02 23.05 -9.70
C GLN A 119 -8.46 23.72 -8.41
N THR A 120 -8.86 24.99 -8.53
CA THR A 120 -9.29 25.76 -7.37
C THR A 120 -10.59 25.20 -6.80
N VAL A 121 -11.52 24.84 -7.68
CA VAL A 121 -12.79 24.22 -7.28
C VAL A 121 -12.56 22.82 -6.67
N ALA A 122 -11.67 22.02 -7.29
CA ALA A 122 -11.29 20.71 -6.73
C ALA A 122 -10.76 20.86 -5.31
N ASP A 123 -9.89 21.85 -5.11
CA ASP A 123 -9.33 22.11 -3.78
C ASP A 123 -10.40 22.53 -2.74
N MET A 124 -11.58 22.90 -3.22
CA MET A 124 -12.71 23.18 -2.35
C MET A 124 -13.42 21.87 -1.98
N ILE A 125 -13.25 20.86 -2.82
CA ILE A 125 -13.86 19.56 -2.60
C ILE A 125 -13.03 18.72 -1.63
N LYS A 126 -11.71 18.75 -1.78
CA LYS A 126 -10.80 17.83 -1.08
C LYS A 126 -10.89 17.93 0.44
N GLY A 127 -10.96 16.76 1.10
CA GLY A 127 -11.04 16.69 2.55
C GLY A 127 -12.41 16.87 3.17
N LYS A 128 -13.46 17.01 2.35
CA LYS A 128 -14.77 17.40 2.85
C LYS A 128 -15.81 16.30 2.75
N THR A 129 -16.80 16.35 3.65
CA THR A 129 -17.90 15.40 3.69
C THR A 129 -18.90 15.81 2.64
N PRO A 130 -19.75 14.87 2.17
CA PRO A 130 -20.73 15.23 1.14
C PRO A 130 -21.59 16.42 1.56
N GLU A 131 -21.77 16.57 2.87
CA GLU A 131 -22.66 17.60 3.42
C GLU A 131 -21.96 18.97 3.41
N GLU A 132 -20.69 19.00 3.83
CA GLU A 132 -19.83 20.18 3.74
C GLU A 132 -19.65 20.63 2.29
N ILE A 133 -19.69 19.67 1.37
CA ILE A 133 -19.60 19.97 -0.05
C ILE A 133 -20.91 20.62 -0.54
N ARG A 134 -22.05 19.96 -0.28
CA ARG A 134 -23.31 20.50 -0.74
C ARG A 134 -23.68 21.79 -0.04
N THR A 135 -23.05 22.02 1.13
CA THR A 135 -23.08 23.32 1.79
C THR A 135 -22.27 24.34 1.01
N THR A 136 -20.98 24.10 0.77
CA THR A 136 -20.17 25.09 0.03
C THR A 136 -20.79 25.42 -1.34
N PHE A 137 -21.27 24.39 -2.03
CA PHE A 137 -21.71 24.56 -3.41
C PHE A 137 -23.21 24.78 -3.58
N ASN A 138 -23.91 24.82 -2.45
CA ASN A 138 -25.33 25.07 -2.43
C ASN A 138 -26.10 24.07 -3.30
N ILE A 139 -25.76 22.79 -3.10
CA ILE A 139 -26.41 21.68 -3.81
C ILE A 139 -27.36 21.03 -2.84
N LYS A 140 -28.51 20.58 -3.33
CA LYS A 140 -29.44 19.84 -2.49
C LYS A 140 -29.33 18.35 -2.74
N ASN A 141 -29.25 17.62 -1.63
CA ASN A 141 -29.21 16.18 -1.66
C ASN A 141 -30.49 15.61 -2.23
N ASP A 142 -30.38 14.82 -3.29
CA ASP A 142 -31.54 14.23 -3.94
C ASP A 142 -31.54 12.71 -3.86
N PHE A 143 -30.82 12.18 -2.88
CA PHE A 143 -30.81 10.74 -2.66
C PHE A 143 -31.91 10.39 -1.66
N THR A 144 -32.66 9.34 -1.94
CA THR A 144 -33.52 8.76 -0.90
C THR A 144 -32.59 8.15 0.16
N PRO A 145 -32.92 8.31 1.47
CA PRO A 145 -32.07 7.74 2.52
C PRO A 145 -31.60 6.32 2.22
N GLU A 146 -32.45 5.50 1.61
CA GLU A 146 -32.13 4.10 1.27
C GLU A 146 -31.07 4.01 0.16
N GLU A 147 -31.16 4.90 -0.84
CA GLU A 147 -30.15 5.04 -1.88
C GLU A 147 -28.80 5.44 -1.33
N GLU A 148 -28.76 6.55 -0.59
CA GLU A 148 -27.50 7.06 0.00
C GLU A 148 -26.85 6.06 0.97
N GLU A 149 -27.67 5.30 1.69
CA GLU A 149 -27.15 4.26 2.57
C GLU A 149 -26.38 3.22 1.78
N GLU A 150 -27.01 2.72 0.72
CA GLU A 150 -26.45 1.69 -0.16
C GLU A 150 -25.15 2.13 -0.85
N VAL A 151 -25.15 3.35 -1.39
CA VAL A 151 -23.94 3.92 -1.99
C VAL A 151 -22.84 4.11 -0.94
N ARG A 152 -23.17 4.62 0.24
CA ARG A 152 -22.15 4.80 1.29
C ARG A 152 -21.56 3.47 1.78
N ARG A 153 -22.41 2.49 2.00
CA ARG A 153 -21.96 1.13 2.31
C ARG A 153 -21.01 0.59 1.22
N GLU A 154 -21.39 0.71 -0.05
CA GLU A 154 -20.53 0.26 -1.13
C GLU A 154 -19.20 0.99 -1.17
N ASN A 155 -19.22 2.33 -1.04
CA ASN A 155 -18.01 3.14 -1.03
C ASN A 155 -17.01 2.69 0.04
N GLN A 156 -17.51 2.60 1.26
CA GLN A 156 -16.67 2.32 2.41
C GLN A 156 -16.26 0.88 2.47
N TRP A 157 -17.17 -0.04 2.17
CA TRP A 157 -16.90 -1.46 2.31
C TRP A 157 -16.05 -2.03 1.19
N ALA A 158 -16.24 -1.48 -0.02
CA ALA A 158 -15.62 -2.02 -1.25
C ALA A 158 -14.49 -1.18 -1.81
N PHE A 159 -14.53 0.14 -1.64
CA PHE A 159 -13.69 1.04 -2.44
C PHE A 159 -12.81 1.99 -1.67
N GLU A 160 -12.59 1.70 -0.40
CA GLU A 160 -11.80 2.59 0.42
C GLU A 160 -10.83 1.78 1.23
N SER B 8 -24.02 24.23 -10.93
CA SER B 8 -24.63 24.45 -12.28
C SER B 8 -23.55 24.43 -13.37
N PHE B 9 -22.57 23.55 -13.19
CA PHE B 9 -21.52 23.37 -14.16
C PHE B 9 -21.95 22.37 -15.23
N PRO B 10 -21.58 22.61 -16.50
CA PRO B 10 -21.75 21.60 -17.54
C PRO B 10 -21.01 20.32 -17.16
N GLU B 11 -21.56 19.17 -17.53
CA GLU B 11 -20.99 17.85 -17.23
C GLU B 11 -19.48 17.81 -17.49
N GLU B 12 -19.05 18.29 -18.66
CA GLU B 12 -17.62 18.31 -19.05
C GLU B 12 -16.73 19.13 -18.10
N VAL B 13 -17.28 20.23 -17.55
CA VAL B 13 -16.59 21.01 -16.51
C VAL B 13 -16.43 20.24 -15.19
N LEU B 14 -17.47 19.54 -14.77
CA LEU B 14 -17.38 18.76 -13.53
C LEU B 14 -16.45 17.58 -13.70
N GLU B 15 -16.53 16.93 -14.86
CA GLU B 15 -15.55 15.90 -15.18
C GLU B 15 -14.14 16.43 -15.03
N HIS B 16 -13.92 17.69 -15.38
CA HIS B 16 -12.58 18.27 -15.35
C HIS B 16 -12.17 18.68 -13.94
N VAL B 17 -13.12 19.13 -13.12
CA VAL B 17 -12.81 19.40 -11.68
C VAL B 17 -12.32 18.10 -11.02
N PHE B 18 -13.06 17.03 -11.28
CA PHE B 18 -12.84 15.73 -10.68
C PHE B 18 -11.50 15.09 -11.11
N SER B 19 -10.93 15.57 -12.21
CA SER B 19 -9.68 15.00 -12.71
C SER B 19 -8.53 15.37 -11.77
N PHE B 20 -8.75 16.38 -10.92
CA PHE B 20 -7.72 16.84 -9.96
C PHE B 20 -7.91 16.24 -8.56
N ILE B 21 -8.87 15.32 -8.45
CA ILE B 21 -9.22 14.69 -7.18
C ILE B 21 -8.95 13.19 -7.37
N GLN B 22 -7.84 12.71 -6.81
CA GLN B 22 -7.45 11.32 -7.05
C GLN B 22 -7.40 10.39 -5.79
N LEU B 23 -7.63 10.93 -4.60
CA LEU B 23 -7.73 10.13 -3.37
C LEU B 23 -9.06 9.40 -3.32
N ASP B 24 -9.02 8.10 -3.03
CA ASP B 24 -10.24 7.28 -2.96
C ASP B 24 -11.34 7.87 -2.10
N LYS B 25 -10.97 8.39 -0.93
CA LYS B 25 -11.88 8.94 0.06
C LYS B 25 -12.57 10.21 -0.47
N ASP B 26 -11.81 11.01 -1.21
CA ASP B 26 -12.39 12.20 -1.87
C ASP B 26 -13.38 11.84 -2.96
N ARG B 27 -13.03 10.85 -3.78
CA ARG B 27 -13.91 10.35 -4.84
C ARG B 27 -15.21 9.78 -4.28
N ASN B 28 -15.11 9.09 -3.13
CA ASN B 28 -16.26 8.50 -2.50
C ASN B 28 -17.23 9.56 -1.96
N SER B 29 -16.64 10.60 -1.43
CA SER B 29 -17.38 11.71 -0.84
C SER B 29 -18.09 12.55 -1.93
N VAL B 30 -17.39 12.76 -3.05
CA VAL B 30 -17.97 13.33 -4.28
C VAL B 30 -19.14 12.52 -4.81
N SER B 31 -19.01 11.20 -4.85
CA SER B 31 -20.09 10.38 -5.34
C SER B 31 -21.37 10.51 -4.47
N LEU B 32 -21.24 11.06 -3.26
CA LEU B 32 -22.42 11.16 -2.35
C LEU B 32 -23.06 12.53 -2.26
N VAL B 33 -22.52 13.54 -2.93
CA VAL B 33 -23.10 14.90 -2.76
C VAL B 33 -24.49 14.98 -3.41
N CYS B 34 -24.63 14.46 -4.62
CA CYS B 34 -25.94 14.36 -5.22
C CYS B 34 -25.89 13.32 -6.31
N LYS B 35 -27.06 12.98 -6.85
CA LYS B 35 -27.19 11.94 -7.87
C LYS B 35 -26.39 12.29 -9.16
N SER B 36 -26.36 13.59 -9.46
CA SER B 36 -25.62 14.09 -10.62
C SER B 36 -24.14 13.75 -10.52
N TRP B 37 -23.56 14.08 -9.38
CA TRP B 37 -22.15 13.81 -9.09
C TRP B 37 -21.85 12.32 -9.03
N TYR B 38 -22.75 11.52 -8.46
CA TYR B 38 -22.61 10.05 -8.50
C TYR B 38 -22.30 9.54 -9.90
N GLU B 39 -23.13 9.94 -10.85
CA GLU B 39 -22.97 9.49 -12.22
C GLU B 39 -21.73 10.07 -12.94
N ILE B 40 -21.42 11.35 -12.70
CA ILE B 40 -20.24 11.97 -13.32
C ILE B 40 -18.96 11.35 -12.75
N GLU B 41 -18.92 11.22 -11.43
CA GLU B 41 -17.75 10.65 -10.75
C GLU B 41 -17.49 9.23 -11.24
N ARG B 42 -18.51 8.37 -11.29
CA ARG B 42 -18.25 6.99 -11.64
C ARG B 42 -17.71 6.82 -13.08
N TRP B 43 -18.18 7.65 -14.02
CA TRP B 43 -17.72 7.57 -15.41
C TRP B 43 -16.30 8.07 -15.61
N CYS B 44 -15.74 8.80 -14.64
CA CYS B 44 -14.36 9.24 -14.80
C CYS B 44 -13.39 8.69 -13.72
N ARG B 45 -13.84 7.75 -12.87
CA ARG B 45 -12.88 7.23 -11.85
C ARG B 45 -11.82 6.42 -12.56
N ARG B 46 -10.55 6.74 -12.28
CA ARG B 46 -9.40 6.14 -12.96
C ARG B 46 -8.85 4.89 -12.25
N LYS B 47 -8.95 4.88 -10.92
CA LYS B 47 -8.33 3.81 -10.11
C LYS B 47 -9.35 3.32 -9.11
N VAL B 48 -9.29 2.01 -8.82
CA VAL B 48 -10.16 1.37 -7.88
C VAL B 48 -9.21 0.57 -6.96
N PHE B 49 -9.45 0.68 -5.67
CA PHE B 49 -8.68 -0.01 -4.64
C PHE B 49 -9.64 -0.89 -3.88
N ILE B 50 -9.44 -2.21 -3.96
CA ILE B 50 -10.33 -3.15 -3.33
C ILE B 50 -9.48 -3.93 -2.28
N GLY B 51 -9.55 -3.51 -1.02
CA GLY B 51 -8.71 -4.09 0.04
C GLY B 51 -9.06 -5.49 0.46
N ASN B 52 -10.27 -5.96 0.11
CA ASN B 52 -10.72 -7.33 0.37
C ASN B 52 -11.47 -7.75 -0.87
N CYS B 53 -10.86 -8.60 -1.70
CA CYS B 53 -11.48 -9.09 -2.95
C CYS B 53 -12.87 -9.69 -2.81
N TYR B 54 -13.26 -10.12 -1.60
CA TYR B 54 -14.55 -10.74 -1.40
C TYR B 54 -15.61 -9.78 -0.84
N ALA B 55 -15.21 -8.51 -0.68
CA ALA B 55 -16.12 -7.49 -0.18
C ALA B 55 -17.06 -7.01 -1.24
N VAL B 56 -16.80 -7.41 -2.50
CA VAL B 56 -17.62 -6.94 -3.62
C VAL B 56 -17.37 -7.86 -4.83
N SER B 57 -18.30 -7.93 -5.80
CA SER B 57 -18.06 -8.76 -6.97
C SER B 57 -17.44 -7.98 -8.15
N PRO B 58 -16.69 -8.68 -9.01
CA PRO B 58 -16.14 -7.99 -10.17
C PRO B 58 -17.25 -7.30 -10.96
N ALA B 59 -18.39 -7.98 -11.14
CA ALA B 59 -19.47 -7.44 -12.00
C ALA B 59 -19.93 -6.10 -11.46
N THR B 60 -20.03 -5.99 -10.14
CA THR B 60 -20.45 -4.76 -9.47
C THR B 60 -19.49 -3.59 -9.66
N VAL B 61 -18.19 -3.87 -9.58
CA VAL B 61 -17.15 -2.87 -9.82
C VAL B 61 -17.19 -2.38 -11.27
N ILE B 62 -17.23 -3.34 -12.19
CA ILE B 62 -17.18 -2.99 -13.63
C ILE B 62 -18.41 -2.22 -14.07
N ARG B 63 -19.59 -2.61 -13.59
CA ARG B 63 -20.83 -1.83 -13.88
C ARG B 63 -20.77 -0.42 -13.32
N ARG B 64 -20.33 -0.27 -12.08
CA ARG B 64 -20.27 1.07 -11.48
C ARG B 64 -19.22 1.99 -12.09
N PHE B 65 -18.02 1.45 -12.33
CA PHE B 65 -16.86 2.23 -12.77
C PHE B 65 -16.37 1.72 -14.13
N PRO B 66 -17.00 2.18 -15.22
CA PRO B 66 -16.67 1.55 -16.51
C PRO B 66 -15.32 1.94 -17.12
N LYS B 67 -14.75 3.06 -16.71
CA LYS B 67 -13.53 3.56 -17.35
C LYS B 67 -12.25 3.38 -16.54
N VAL B 68 -12.24 2.43 -15.63
CA VAL B 68 -11.07 2.19 -14.79
C VAL B 68 -9.83 1.85 -15.62
N ARG B 69 -8.71 2.46 -15.28
CA ARG B 69 -7.45 2.08 -15.90
C ARG B 69 -6.46 1.44 -14.91
N SER B 70 -6.79 1.47 -13.61
CA SER B 70 -5.86 0.89 -12.60
C SER B 70 -6.67 0.19 -11.50
N VAL B 71 -6.34 -1.06 -11.20
CA VAL B 71 -7.08 -1.86 -10.24
C VAL B 71 -6.05 -2.37 -9.24
N GLU B 72 -6.36 -2.21 -7.96
CA GLU B 72 -5.54 -2.84 -6.91
C GLU B 72 -6.43 -3.76 -6.10
N LEU B 73 -6.04 -5.02 -5.93
CA LEU B 73 -6.86 -6.04 -5.25
C LEU B 73 -6.01 -6.76 -4.21
N LYS B 74 -6.56 -7.00 -3.02
CA LYS B 74 -5.89 -7.79 -1.96
C LYS B 74 -6.76 -8.94 -1.56
N GLY B 75 -6.13 -10.10 -1.31
CA GLY B 75 -6.85 -11.34 -1.15
C GLY B 75 -6.79 -11.88 0.25
N LYS B 76 -5.92 -12.86 0.46
CA LYS B 76 -5.75 -13.49 1.79
C LYS B 76 -5.41 -12.49 2.89
N PRO B 77 -5.89 -12.77 4.10
CA PRO B 77 -5.48 -11.94 5.24
C PRO B 77 -3.97 -12.09 5.57
N HIS B 78 -3.43 -11.14 6.33
CA HIS B 78 -2.02 -11.06 6.73
C HIS B 78 -1.47 -12.33 7.40
N PHE B 79 -2.27 -12.99 8.23
CA PHE B 79 -1.78 -14.19 8.95
C PHE B 79 -1.48 -15.37 8.01
N ALA B 80 -1.89 -15.24 6.75
CA ALA B 80 -1.51 -16.21 5.71
C ALA B 80 -0.01 -16.29 5.57
N ASP B 81 0.64 -15.17 5.88
CA ASP B 81 2.10 -15.10 5.82
C ASP B 81 2.78 -16.04 6.79
N PHE B 82 2.05 -16.46 7.83
CA PHE B 82 2.61 -17.31 8.89
C PHE B 82 2.00 -18.70 8.89
N ASN B 83 1.50 -19.12 7.73
CA ASN B 83 1.00 -20.47 7.54
C ASN B 83 -0.24 -20.78 8.38
N LEU B 84 -1.04 -19.75 8.68
CA LEU B 84 -2.22 -19.96 9.54
C LEU B 84 -3.48 -20.06 8.69
N VAL B 85 -3.35 -19.81 7.38
CA VAL B 85 -4.44 -20.01 6.41
C VAL B 85 -4.11 -21.25 5.52
N PRO B 86 -4.92 -22.32 5.59
CA PRO B 86 -4.57 -23.50 4.78
C PRO B 86 -4.66 -23.23 3.29
N ASP B 87 -3.88 -23.97 2.49
CA ASP B 87 -3.85 -23.84 1.02
C ASP B 87 -5.24 -24.07 0.48
N GLY B 88 -5.59 -23.31 -0.55
CA GLY B 88 -6.88 -23.48 -1.19
C GLY B 88 -8.02 -22.70 -0.56
N TRP B 89 -7.72 -21.96 0.52
CA TRP B 89 -8.74 -21.11 1.12
C TRP B 89 -9.46 -20.24 0.08
N GLY B 90 -8.70 -19.61 -0.83
CA GLY B 90 -9.30 -18.69 -1.81
C GLY B 90 -8.36 -17.57 -2.24
N GLY B 91 -8.92 -16.50 -2.79
CA GLY B 91 -8.12 -15.38 -3.26
C GLY B 91 -7.80 -15.42 -4.74
N TYR B 92 -8.56 -16.18 -5.51
CA TYR B 92 -8.36 -16.30 -6.96
C TYR B 92 -8.69 -15.02 -7.69
N VAL B 93 -7.73 -14.52 -8.47
CA VAL B 93 -7.92 -13.33 -9.29
C VAL B 93 -8.56 -13.63 -10.65
N TYR B 94 -8.51 -14.88 -11.08
CA TYR B 94 -9.06 -15.19 -12.42
C TYR B 94 -10.43 -14.58 -12.69
N PRO B 95 -11.42 -14.72 -11.77
CA PRO B 95 -12.74 -14.09 -12.04
C PRO B 95 -12.72 -12.59 -12.29
N TRP B 96 -11.79 -11.88 -11.67
CA TRP B 96 -11.61 -10.45 -11.85
C TRP B 96 -11.02 -10.17 -13.24
N ILE B 97 -9.99 -10.94 -13.61
CA ILE B 97 -9.35 -10.75 -14.95
C ILE B 97 -10.36 -11.11 -16.02
N GLU B 98 -11.08 -12.21 -15.82
CA GLU B 98 -12.07 -12.64 -16.82
C GLU B 98 -13.09 -11.55 -17.07
N ALA B 99 -13.60 -10.98 -15.99
CA ALA B 99 -14.57 -9.88 -16.07
C ALA B 99 -14.02 -8.59 -16.65
N MET B 100 -12.82 -8.19 -16.23
CA MET B 100 -12.16 -6.98 -16.77
C MET B 100 -11.74 -7.10 -18.22
N SER B 101 -11.45 -8.33 -18.64
CA SER B 101 -10.95 -8.61 -19.98
C SER B 101 -11.90 -8.15 -21.09
N SER B 102 -13.21 -8.29 -20.87
CA SER B 102 -14.16 -7.79 -21.86
C SER B 102 -14.60 -6.33 -21.67
N SER B 103 -14.41 -5.76 -20.48
CA SER B 103 -14.93 -4.42 -20.21
C SER B 103 -13.92 -3.30 -20.13
N TYR B 104 -12.77 -3.58 -19.51
CA TYR B 104 -11.77 -2.55 -19.29
C TYR B 104 -10.72 -2.68 -20.38
N THR B 105 -11.09 -2.41 -21.64
CA THR B 105 -10.16 -2.67 -22.74
C THR B 105 -8.88 -1.81 -22.56
N TRP B 106 -9.04 -0.63 -21.97
CA TRP B 106 -7.96 0.32 -21.80
C TRP B 106 -7.19 0.15 -20.48
N LEU B 107 -7.30 -1.00 -19.84
CA LEU B 107 -6.67 -1.15 -18.49
C LEU B 107 -5.15 -1.03 -18.62
N GLU B 108 -4.50 -0.33 -17.66
CA GLU B 108 -3.06 -0.10 -17.69
C GLU B 108 -2.30 -0.72 -16.50
N GLU B 109 -2.97 -0.85 -15.35
CA GLU B 109 -2.26 -1.26 -14.12
C GLU B 109 -3.03 -2.29 -13.34
N ILE B 110 -2.36 -3.37 -12.93
CA ILE B 110 -2.96 -4.34 -12.02
C ILE B 110 -1.95 -4.56 -10.91
N ARG B 111 -2.38 -4.30 -9.68
CA ARG B 111 -1.54 -4.55 -8.48
C ARG B 111 -2.27 -5.50 -7.57
N LEU B 112 -1.64 -6.62 -7.27
CA LEU B 112 -2.33 -7.64 -6.50
C LEU B 112 -1.53 -7.95 -5.25
N LYS B 113 -2.20 -8.29 -4.16
CA LYS B 113 -1.46 -8.72 -2.97
C LYS B 113 -2.12 -9.91 -2.35
N ARG B 114 -1.33 -10.94 -2.05
CA ARG B 114 -1.85 -12.20 -1.51
C ARG B 114 -3.03 -12.80 -2.25
N MET B 115 -2.93 -12.83 -3.58
CA MET B 115 -3.94 -13.47 -4.46
C MET B 115 -3.32 -14.69 -5.10
N VAL B 116 -4.17 -15.60 -5.57
CA VAL B 116 -3.72 -16.74 -6.35
C VAL B 116 -3.85 -16.33 -7.80
N VAL B 117 -2.72 -16.33 -8.51
CA VAL B 117 -2.64 -15.83 -9.90
C VAL B 117 -2.06 -17.00 -10.70
N THR B 118 -2.75 -17.41 -11.76
CA THR B 118 -2.33 -18.57 -12.56
C THR B 118 -1.73 -18.14 -13.88
N ASP B 119 -1.12 -19.07 -14.61
CA ASP B 119 -0.64 -18.74 -15.96
C ASP B 119 -1.76 -18.31 -16.91
N ASP B 120 -2.95 -18.89 -16.72
CA ASP B 120 -4.14 -18.48 -17.51
C ASP B 120 -4.49 -17.04 -17.29
N CYS B 121 -4.39 -16.60 -16.03
CA CYS B 121 -4.59 -15.17 -15.65
C CYS B 121 -3.59 -14.28 -16.34
N LEU B 122 -2.33 -14.69 -16.34
CA LEU B 122 -1.28 -13.89 -16.99
C LEU B 122 -1.41 -13.90 -18.51
N GLU B 123 -1.75 -15.05 -19.06
CA GLU B 123 -2.00 -15.12 -20.51
C GLU B 123 -3.18 -14.24 -20.93
N LEU B 124 -4.22 -14.19 -20.09
CA LEU B 124 -5.42 -13.39 -20.41
C LEU B 124 -5.12 -11.92 -20.33
N ILE B 125 -4.30 -11.50 -19.37
CA ILE B 125 -3.88 -10.11 -19.23
C ILE B 125 -3.15 -9.66 -20.48
N ALA B 126 -2.21 -10.50 -20.91
CA ALA B 126 -1.35 -10.17 -22.04
C ALA B 126 -2.21 -10.00 -23.29
N LYS B 127 -3.15 -10.92 -23.50
CA LYS B 127 -3.97 -10.79 -24.70
C LYS B 127 -5.17 -9.82 -24.65
N SER B 128 -5.56 -9.36 -23.47
CA SER B 128 -6.75 -8.51 -23.34
C SER B 128 -6.45 -7.03 -23.29
N PHE B 129 -5.30 -6.67 -22.69
CA PHE B 129 -5.01 -5.27 -22.37
C PHE B 129 -3.85 -4.72 -23.18
N LYS B 130 -4.17 -4.12 -24.32
CA LYS B 130 -3.13 -3.58 -25.19
C LYS B 130 -2.22 -2.49 -24.56
N ASN B 131 -2.80 -1.63 -23.73
CA ASN B 131 -2.03 -0.57 -23.09
C ASN B 131 -1.49 -0.95 -21.74
N PHE B 132 -1.35 -2.23 -21.49
CA PHE B 132 -0.92 -2.68 -20.17
C PHE B 132 0.49 -2.20 -19.81
N LYS B 133 0.63 -1.59 -18.63
CA LYS B 133 1.89 -0.94 -18.29
C LYS B 133 2.47 -1.43 -16.97
N VAL B 134 1.64 -1.83 -16.01
CA VAL B 134 2.17 -2.14 -14.62
C VAL B 134 1.57 -3.42 -14.11
N LEU B 135 2.42 -4.36 -13.74
CA LEU B 135 1.97 -5.57 -13.04
C LEU B 135 2.80 -5.70 -11.78
N VAL B 136 2.13 -5.62 -10.64
CA VAL B 136 2.77 -5.84 -9.31
C VAL B 136 2.10 -7.03 -8.66
N LEU B 137 2.87 -8.07 -8.43
CA LEU B 137 2.36 -9.26 -7.76
C LEU B 137 3.12 -9.39 -6.43
N SER B 138 2.49 -8.98 -5.31
CA SER B 138 3.13 -8.98 -3.96
C SER B 138 2.60 -10.10 -3.12
N SER B 139 3.49 -10.99 -2.76
CA SER B 139 3.11 -12.19 -2.02
C SER B 139 2.01 -12.97 -2.73
N CYS B 140 2.10 -13.10 -4.06
CA CYS B 140 1.15 -13.91 -4.81
C CYS B 140 1.73 -15.30 -5.05
N GLU B 141 0.89 -16.25 -5.46
CA GLU B 141 1.31 -17.61 -5.71
C GLU B 141 0.42 -18.17 -6.82
N GLY B 142 0.86 -19.22 -7.48
CA GLY B 142 -0.03 -19.96 -8.40
C GLY B 142 0.34 -19.94 -9.86
N PHE B 143 1.44 -19.26 -10.17
CA PHE B 143 1.90 -19.05 -11.53
C PHE B 143 3.34 -19.49 -11.69
N SER B 144 3.77 -19.55 -12.95
CA SER B 144 5.10 -20.00 -13.33
C SER B 144 5.77 -19.04 -14.30
N THR B 145 7.03 -19.34 -14.62
CA THR B 145 7.77 -18.57 -15.62
C THR B 145 7.14 -18.59 -17.02
N ASP B 146 6.30 -19.59 -17.29
CA ASP B 146 5.58 -19.67 -18.56
C ASP B 146 4.59 -18.52 -18.66
N GLY B 147 3.94 -18.16 -17.55
CA GLY B 147 3.03 -17.00 -17.50
C GLY B 147 3.79 -15.70 -17.65
N LEU B 148 4.94 -15.64 -16.98
CA LEU B 148 5.83 -14.50 -17.17
C LEU B 148 6.28 -14.31 -18.63
N ALA B 149 6.54 -15.43 -19.32
CA ALA B 149 6.95 -15.40 -20.73
C ALA B 149 5.87 -14.83 -21.65
N ALA B 150 4.61 -15.07 -21.30
CA ALA B 150 3.46 -14.55 -22.06
C ALA B 150 3.41 -13.02 -21.95
N ILE B 151 3.59 -12.53 -20.72
CA ILE B 151 3.69 -11.09 -20.46
C ILE B 151 4.85 -10.46 -21.21
N ALA B 152 6.03 -11.06 -21.07
CA ALA B 152 7.23 -10.56 -21.73
C ALA B 152 7.07 -10.49 -23.27
N ALA B 153 6.51 -11.55 -23.86
CA ALA B 153 6.34 -11.65 -25.31
C ALA B 153 5.34 -10.63 -25.87
N THR B 154 4.25 -10.38 -25.14
CA THR B 154 3.08 -9.69 -25.68
C THR B 154 2.90 -8.26 -25.21
N CYS B 155 3.29 -7.98 -23.96
CA CYS B 155 3.01 -6.66 -23.39
C CYS B 155 4.03 -5.64 -23.86
N ARG B 156 3.78 -5.12 -25.07
CA ARG B 156 4.74 -4.23 -25.73
C ARG B 156 4.92 -2.87 -25.03
N ASN B 157 3.98 -2.48 -24.17
CA ASN B 157 4.06 -1.18 -23.50
C ASN B 157 4.42 -1.30 -21.99
N LEU B 158 4.80 -2.51 -21.59
CA LEU B 158 5.07 -2.80 -20.17
C LEU B 158 6.16 -1.87 -19.59
N LYS B 159 5.89 -1.26 -18.44
CA LYS B 159 6.84 -0.38 -17.78
C LYS B 159 7.32 -0.99 -16.44
N GLU B 160 6.44 -1.76 -15.79
CA GLU B 160 6.75 -2.29 -14.44
C GLU B 160 6.36 -3.76 -14.32
N LEU B 161 7.33 -4.59 -13.95
CA LEU B 161 7.07 -5.97 -13.62
C LEU B 161 7.73 -6.23 -12.28
N ASP B 162 6.90 -6.23 -11.22
CA ASP B 162 7.38 -6.30 -9.83
C ASP B 162 6.76 -7.53 -9.17
N LEU B 163 7.63 -8.51 -8.92
CA LEU B 163 7.29 -9.74 -8.26
C LEU B 163 7.91 -9.68 -6.84
N ARG B 164 7.28 -8.95 -5.94
CA ARG B 164 7.75 -8.73 -4.57
C ARG B 164 7.33 -9.94 -3.75
N GLU B 165 8.27 -10.71 -3.19
CA GLU B 165 7.95 -11.80 -2.27
C GLU B 165 6.89 -12.81 -2.79
N SER B 166 6.74 -12.93 -4.10
CA SER B 166 5.85 -13.96 -4.64
C SER B 166 6.50 -15.36 -4.69
N ASP B 167 5.67 -16.38 -4.77
CA ASP B 167 6.10 -17.77 -4.89
C ASP B 167 5.79 -18.20 -6.32
N VAL B 168 6.82 -18.23 -7.17
CA VAL B 168 6.66 -18.57 -8.59
C VAL B 168 7.13 -20.01 -8.83
N ASP B 169 6.42 -20.75 -9.66
CA ASP B 169 6.88 -22.05 -10.15
C ASP B 169 8.04 -21.83 -11.14
N ASP B 170 9.26 -22.12 -10.70
CA ASP B 170 10.47 -21.72 -11.42
C ASP B 170 10.90 -22.70 -12.51
N VAL B 171 10.04 -22.85 -13.52
CA VAL B 171 10.22 -23.78 -14.62
C VAL B 171 11.48 -23.53 -15.47
N SER B 172 11.87 -22.28 -15.66
CA SER B 172 12.91 -21.93 -16.63
C SER B 172 13.17 -20.44 -16.64
N GLY B 173 14.44 -20.03 -16.66
CA GLY B 173 14.79 -18.61 -16.69
C GLY B 173 14.68 -17.96 -18.06
N HIS B 174 14.18 -18.74 -19.03
CA HIS B 174 14.17 -18.33 -20.43
C HIS B 174 13.05 -17.34 -20.76
N TRP B 175 12.09 -17.16 -19.83
CA TRP B 175 10.99 -16.25 -20.02
C TRP B 175 11.47 -14.86 -20.37
N LEU B 176 12.57 -14.44 -19.74
CA LEU B 176 13.08 -13.09 -19.89
C LEU B 176 13.57 -12.89 -21.33
N SER B 177 13.93 -13.97 -22.01
CA SER B 177 14.36 -13.86 -23.41
C SER B 177 13.21 -13.53 -24.37
N HIS B 178 11.98 -13.63 -23.88
CA HIS B 178 10.80 -13.34 -24.72
C HIS B 178 10.48 -11.87 -24.91
N PHE B 179 11.09 -10.98 -24.13
CA PHE B 179 10.97 -9.54 -24.41
C PHE B 179 11.59 -9.29 -25.81
N PRO B 180 10.79 -8.79 -26.79
CA PRO B 180 11.37 -8.59 -28.13
C PRO B 180 12.45 -7.52 -28.21
N ASP B 181 13.25 -7.53 -29.28
CA ASP B 181 14.29 -6.55 -29.49
C ASP B 181 13.75 -5.14 -29.64
N THR B 182 12.49 -5.03 -30.05
CA THR B 182 11.82 -3.73 -30.19
C THR B 182 11.30 -3.16 -28.87
N TYR B 183 11.28 -4.02 -27.85
CA TYR B 183 10.81 -3.63 -26.54
C TYR B 183 11.86 -2.80 -25.80
N THR B 184 11.48 -1.59 -25.40
CA THR B 184 12.38 -0.64 -24.73
C THR B 184 11.77 0.10 -23.53
N SER B 185 10.56 -0.26 -23.09
CA SER B 185 9.82 0.63 -22.18
C SER B 185 10.01 0.38 -20.67
N LEU B 186 10.79 -0.64 -20.31
CA LEU B 186 10.93 -1.01 -18.89
C LEU B 186 11.42 0.13 -18.02
N VAL B 187 10.76 0.30 -16.85
CA VAL B 187 11.09 1.31 -15.86
C VAL B 187 11.48 0.60 -14.55
N SER B 188 10.80 -0.51 -14.23
CA SER B 188 11.04 -1.18 -12.93
C SER B 188 10.96 -2.67 -13.16
N LEU B 189 11.99 -3.41 -12.74
CA LEU B 189 11.93 -4.84 -12.85
C LEU B 189 12.33 -5.42 -11.51
N ASN B 190 11.47 -6.20 -10.86
CA ASN B 190 11.87 -6.83 -9.60
C ASN B 190 11.68 -8.33 -9.72
N ILE B 191 12.79 -9.06 -9.88
CA ILE B 191 12.74 -10.53 -10.05
C ILE B 191 13.43 -11.26 -8.90
N SER B 192 13.50 -10.57 -7.77
CA SER B 192 14.28 -11.01 -6.59
C SER B 192 13.76 -12.30 -5.94
N CYS B 193 12.50 -12.65 -6.21
CA CYS B 193 11.92 -13.87 -5.68
C CYS B 193 12.13 -15.10 -6.58
N LEU B 194 12.71 -14.92 -7.76
CA LEU B 194 12.85 -16.04 -8.70
C LEU B 194 14.09 -16.91 -8.44
N ALA B 195 13.90 -18.22 -8.31
CA ALA B 195 15.01 -19.13 -8.08
C ALA B 195 15.80 -19.34 -9.37
N SER B 196 15.11 -19.34 -10.51
CA SER B 196 15.73 -19.71 -11.77
C SER B 196 16.56 -18.58 -12.38
N GLU B 197 17.77 -18.93 -12.78
CA GLU B 197 18.71 -18.04 -13.44
C GLU B 197 18.17 -17.61 -14.80
N VAL B 198 18.05 -16.31 -15.02
CA VAL B 198 17.68 -15.82 -16.37
C VAL B 198 18.93 -15.81 -17.25
N SER B 199 18.74 -15.72 -18.57
CA SER B 199 19.88 -15.58 -19.48
C SER B 199 20.58 -14.25 -19.24
N PHE B 200 21.83 -14.29 -18.79
CA PHE B 200 22.52 -13.03 -18.47
C PHE B 200 22.69 -12.13 -19.71
N SER B 201 23.02 -12.74 -20.85
CA SER B 201 23.08 -11.97 -22.09
C SER B 201 21.75 -11.32 -22.43
N ALA B 202 20.65 -12.03 -22.24
CA ALA B 202 19.31 -11.47 -22.46
C ALA B 202 19.04 -10.29 -21.53
N LEU B 203 19.31 -10.49 -20.24
CA LEU B 203 19.25 -9.43 -19.24
C LEU B 203 20.13 -8.23 -19.55
N GLU B 204 21.39 -8.47 -19.92
CA GLU B 204 22.27 -7.37 -20.30
C GLU B 204 21.76 -6.61 -21.54
N ARG B 205 21.28 -7.32 -22.56
CA ARG B 205 20.67 -6.64 -23.73
C ARG B 205 19.41 -5.86 -23.39
N LEU B 206 18.62 -6.39 -22.46
CA LEU B 206 17.40 -5.73 -22.00
C LEU B 206 17.73 -4.43 -21.30
N VAL B 207 18.61 -4.48 -20.32
CA VAL B 207 19.01 -3.28 -19.56
C VAL B 207 19.59 -2.18 -20.47
N THR B 208 20.44 -2.58 -21.41
CA THR B 208 21.04 -1.70 -22.42
C THR B 208 20.01 -0.96 -23.27
N ARG B 209 18.96 -1.67 -23.69
CA ARG B 209 17.95 -1.03 -24.54
C ARG B 209 16.77 -0.34 -23.84
N CYS B 210 16.78 -0.35 -22.51
CA CYS B 210 15.73 0.33 -21.72
C CYS B 210 16.25 1.57 -20.99
N PRO B 211 16.23 2.73 -21.68
CA PRO B 211 16.81 3.94 -21.14
C PRO B 211 16.09 4.57 -19.95
N ASN B 212 14.82 4.23 -19.74
CA ASN B 212 14.05 4.78 -18.63
C ASN B 212 14.02 3.83 -17.43
N LEU B 213 14.89 2.82 -17.43
CA LEU B 213 14.98 1.85 -16.35
C LEU B 213 15.51 2.58 -15.12
N LYS B 214 14.70 2.58 -14.05
CA LYS B 214 15.10 3.26 -12.82
C LYS B 214 15.24 2.35 -11.58
N SER B 215 14.67 1.14 -11.65
CA SER B 215 14.64 0.21 -10.53
C SER B 215 14.89 -1.18 -11.06
N LEU B 216 15.96 -1.79 -10.59
CA LEU B 216 16.32 -3.10 -11.05
C LEU B 216 16.69 -3.90 -9.84
N LYS B 217 15.86 -4.89 -9.51
CA LYS B 217 16.11 -5.71 -8.34
C LYS B 217 16.31 -7.14 -8.81
N LEU B 218 17.54 -7.61 -8.69
CA LEU B 218 17.91 -8.90 -9.26
C LEU B 218 17.62 -10.10 -8.40
N ASN B 219 17.74 -11.28 -8.98
CA ASN B 219 17.70 -12.47 -8.15
C ASN B 219 19.10 -12.90 -7.76
N ARG B 220 19.15 -13.85 -6.83
CA ARG B 220 20.38 -14.35 -6.24
C ARG B 220 21.26 -14.98 -7.31
N ALA B 221 20.64 -15.48 -8.37
CA ALA B 221 21.39 -16.18 -9.43
C ALA B 221 22.25 -15.27 -10.34
N VAL B 222 22.15 -13.95 -10.18
CA VAL B 222 23.07 -13.04 -10.89
C VAL B 222 24.28 -12.89 -9.97
N PRO B 223 25.42 -13.52 -10.31
CA PRO B 223 26.54 -13.54 -9.35
C PRO B 223 27.24 -12.18 -9.21
N LEU B 224 27.88 -11.93 -8.08
CA LEU B 224 28.51 -10.63 -7.85
C LEU B 224 29.48 -10.20 -8.96
N GLU B 225 30.21 -11.14 -9.56
CA GLU B 225 31.22 -10.82 -10.59
C GLU B 225 30.62 -10.29 -11.89
N LYS B 226 29.30 -10.49 -12.08
CA LYS B 226 28.58 -9.97 -13.26
C LYS B 226 27.84 -8.67 -12.97
N LEU B 227 27.79 -8.27 -11.71
CA LEU B 227 27.04 -7.07 -11.35
C LEU B 227 27.56 -5.78 -12.02
N ALA B 228 28.87 -5.56 -12.03
CA ALA B 228 29.41 -4.31 -12.62
C ALA B 228 29.01 -4.13 -14.08
N THR B 229 28.98 -5.24 -14.81
CA THR B 229 28.57 -5.23 -16.21
C THR B 229 27.19 -4.66 -16.39
N LEU B 230 26.25 -5.08 -15.56
CA LEU B 230 24.91 -4.53 -15.64
C LEU B 230 24.88 -3.07 -15.27
N LEU B 231 25.56 -2.71 -14.19
CA LEU B 231 25.56 -1.33 -13.69
C LEU B 231 26.17 -0.37 -14.71
N GLN B 232 27.17 -0.84 -15.45
CA GLN B 232 27.75 -0.02 -16.52
C GLN B 232 26.69 0.36 -17.60
N ARG B 233 25.71 -0.53 -17.79
CA ARG B 233 24.64 -0.34 -18.77
C ARG B 233 23.49 0.54 -18.24
N ALA B 234 23.44 0.75 -16.93
CA ALA B 234 22.31 1.45 -16.33
C ALA B 234 22.78 2.43 -15.28
N PRO B 235 23.56 3.45 -15.68
CA PRO B 235 24.07 4.36 -14.65
C PRO B 235 23.00 5.30 -14.09
N GLN B 236 21.80 5.26 -14.67
CA GLN B 236 20.70 6.14 -14.25
C GLN B 236 19.82 5.54 -13.13
N LEU B 237 20.17 4.34 -12.69
CA LEU B 237 19.37 3.60 -11.70
C LEU B 237 19.15 4.41 -10.40
N GLU B 238 17.90 4.48 -9.93
CA GLU B 238 17.56 5.01 -8.61
C GLU B 238 17.44 3.92 -7.51
N GLU B 239 17.10 2.69 -7.89
CA GLU B 239 17.01 1.57 -6.95
C GLU B 239 17.71 0.37 -7.52
N LEU B 240 18.53 -0.26 -6.69
CA LEU B 240 19.25 -1.44 -7.10
C LEU B 240 19.10 -2.53 -6.06
N GLY B 241 18.66 -3.69 -6.52
CA GLY B 241 18.73 -4.87 -5.70
C GLY B 241 19.82 -5.73 -6.30
N THR B 242 20.88 -5.97 -5.52
CA THR B 242 21.98 -6.80 -6.03
C THR B 242 21.48 -8.22 -6.20
N GLY B 243 22.21 -9.02 -6.96
CA GLY B 243 22.06 -10.45 -6.93
C GLY B 243 22.92 -11.00 -5.80
N GLY B 244 23.50 -12.18 -6.02
CA GLY B 244 24.45 -12.74 -5.09
C GLY B 244 25.52 -11.72 -4.79
N TYR B 245 26.01 -11.72 -3.55
CA TYR B 245 27.01 -10.74 -3.17
C TYR B 245 28.21 -11.47 -2.56
N THR B 246 28.62 -12.51 -3.26
CA THR B 246 29.74 -13.31 -2.88
C THR B 246 30.62 -13.69 -4.07
N ALA B 247 31.93 -13.66 -3.83
CA ALA B 247 32.94 -14.02 -4.80
C ALA B 247 34.27 -14.25 -4.09
N GLU B 248 35.18 -14.98 -4.74
CA GLU B 248 36.59 -15.03 -4.32
C GLU B 248 37.04 -13.58 -4.14
N VAL B 249 37.83 -13.33 -3.11
CA VAL B 249 38.27 -11.97 -2.84
C VAL B 249 39.42 -11.61 -3.78
N ARG B 250 39.18 -10.68 -4.72
CA ARG B 250 40.19 -10.26 -5.73
C ARG B 250 40.15 -8.77 -5.94
N PRO B 251 41.32 -8.11 -6.05
CA PRO B 251 41.40 -6.69 -6.38
C PRO B 251 40.68 -6.28 -7.68
N ASP B 252 40.85 -7.04 -8.76
CA ASP B 252 40.17 -6.64 -10.02
C ASP B 252 38.64 -6.63 -9.89
N VAL B 253 38.07 -7.61 -9.17
CA VAL B 253 36.59 -7.73 -9.03
C VAL B 253 36.08 -6.57 -8.21
N TYR B 254 36.76 -6.35 -7.08
CA TYR B 254 36.44 -5.25 -6.21
C TYR B 254 36.54 -3.91 -6.93
N SER B 255 37.66 -3.65 -7.59
CA SER B 255 37.78 -2.37 -8.27
C SER B 255 36.74 -2.20 -9.41
N GLY B 256 36.43 -3.27 -10.14
CA GLY B 256 35.41 -3.17 -11.18
C GLY B 256 34.04 -2.83 -10.60
N LEU B 257 33.74 -3.42 -9.44
CA LEU B 257 32.46 -3.19 -8.75
C LEU B 257 32.40 -1.77 -8.18
N SER B 258 33.50 -1.33 -7.58
CA SER B 258 33.64 0.03 -7.04
C SER B 258 33.39 1.10 -8.11
N VAL B 259 34.06 0.98 -9.25
CA VAL B 259 33.95 1.93 -10.36
C VAL B 259 32.51 1.97 -10.89
N ALA B 260 31.92 0.80 -11.09
CA ALA B 260 30.54 0.72 -11.60
C ALA B 260 29.55 1.39 -10.63
N LEU B 261 29.66 1.08 -9.35
CA LEU B 261 28.71 1.61 -8.37
C LEU B 261 28.87 3.13 -8.23
N SER B 262 30.12 3.61 -8.24
CA SER B 262 30.33 5.04 -8.15
C SER B 262 29.89 5.79 -9.41
N GLY B 263 29.70 5.08 -10.52
CA GLY B 263 29.12 5.66 -11.72
C GLY B 263 27.61 5.80 -11.63
N CYS B 264 27.00 5.19 -10.60
CA CYS B 264 25.55 5.30 -10.35
C CYS B 264 25.17 6.43 -9.37
N LYS B 265 25.10 7.68 -9.87
CA LYS B 265 24.91 8.89 -9.09
C LYS B 265 23.52 9.09 -8.47
N GLU B 266 22.50 8.46 -9.06
CA GLU B 266 21.11 8.64 -8.67
C GLU B 266 20.56 7.54 -7.73
N LEU B 267 21.39 6.58 -7.34
CA LEU B 267 20.92 5.50 -6.48
C LEU B 267 20.45 6.09 -5.14
N ARG B 268 19.23 5.76 -4.74
CA ARG B 268 18.69 6.18 -3.44
C ARG B 268 18.28 4.98 -2.58
N CYS B 269 18.21 3.79 -3.19
CA CYS B 269 17.70 2.60 -2.53
C CYS B 269 18.57 1.42 -2.89
N LEU B 270 19.13 0.72 -1.89
CA LEU B 270 19.95 -0.48 -2.10
C LEU B 270 19.45 -1.69 -1.29
N SER B 271 19.46 -2.86 -1.92
CA SER B 271 18.97 -4.08 -1.28
C SER B 271 19.66 -5.30 -1.89
N GLY B 272 19.26 -6.48 -1.44
CA GLY B 272 19.76 -7.73 -2.01
C GLY B 272 20.80 -8.25 -1.03
N PHE B 273 22.06 -8.27 -1.44
CA PHE B 273 23.16 -8.66 -0.53
C PHE B 273 23.11 -10.12 -0.07
N TRP B 274 22.53 -11.03 -0.85
CA TRP B 274 22.49 -12.44 -0.42
C TRP B 274 23.89 -12.97 -0.27
N ASP B 275 24.13 -13.64 0.86
CA ASP B 275 25.44 -14.22 1.15
C ASP B 275 26.53 -13.17 1.10
N ALA B 276 26.24 -11.96 1.57
CA ALA B 276 27.20 -10.87 1.49
C ALA B 276 28.51 -11.26 2.20
N VAL B 277 29.63 -11.03 1.53
CA VAL B 277 30.96 -11.17 2.18
C VAL B 277 31.48 -9.78 2.57
N PRO B 278 31.89 -9.59 3.85
CA PRO B 278 32.35 -8.28 4.31
C PRO B 278 33.38 -7.64 3.39
N ALA B 279 34.22 -8.46 2.76
CA ALA B 279 35.26 -7.98 1.83
C ALA B 279 34.75 -7.10 0.68
N TYR B 280 33.52 -7.33 0.22
CA TYR B 280 32.96 -6.61 -0.92
C TYR B 280 31.97 -5.48 -0.53
N LEU B 281 31.53 -5.46 0.72
CA LEU B 281 30.63 -4.38 1.15
C LEU B 281 31.18 -2.96 0.97
N PRO B 282 32.50 -2.73 1.20
CA PRO B 282 32.96 -1.36 0.91
C PRO B 282 32.73 -0.80 -0.50
N ALA B 283 32.52 -1.66 -1.50
CA ALA B 283 32.25 -1.17 -2.86
C ALA B 283 31.05 -0.23 -2.94
N VAL B 284 30.13 -0.42 -2.00
CA VAL B 284 28.88 0.30 -1.96
C VAL B 284 28.99 1.69 -1.26
N TYR B 285 30.09 1.95 -0.56
CA TYR B 285 30.24 3.16 0.26
C TYR B 285 30.06 4.48 -0.48
N SER B 286 30.57 4.55 -1.71
CA SER B 286 30.44 5.77 -2.53
C SER B 286 28.97 6.16 -2.78
N VAL B 287 28.12 5.15 -2.73
CA VAL B 287 26.69 5.29 -2.98
C VAL B 287 25.95 5.77 -1.71
N CYS B 288 26.58 5.64 -0.56
CA CYS B 288 25.85 5.63 0.72
C CYS B 288 25.47 7.01 1.21
N SER B 289 26.24 8.01 0.78
CA SER B 289 26.01 9.39 1.14
C SER B 289 24.64 9.88 0.77
N ARG B 290 24.05 9.29 -0.26
CA ARG B 290 22.75 9.76 -0.73
C ARG B 290 21.64 8.74 -0.49
N LEU B 291 21.99 7.55 -0.05
CA LEU B 291 21.00 6.48 0.14
C LEU B 291 19.92 6.89 1.12
N THR B 292 18.67 6.65 0.76
CA THR B 292 17.59 6.85 1.70
C THR B 292 16.98 5.53 2.24
N THR B 293 17.16 4.42 1.52
CA THR B 293 16.65 3.07 1.92
C THR B 293 17.78 2.11 1.76
N LEU B 294 17.97 1.26 2.76
CA LEU B 294 19.00 0.28 2.71
C LEU B 294 18.37 -0.98 3.31
N ASN B 295 18.39 -2.09 2.57
CA ASN B 295 17.80 -3.35 3.03
C ASN B 295 18.91 -4.37 3.20
N LEU B 296 19.34 -4.57 4.43
CA LEU B 296 20.39 -5.52 4.72
C LEU B 296 19.86 -6.80 5.37
N SER B 297 18.55 -7.05 5.24
CA SER B 297 17.84 -8.24 5.80
C SER B 297 18.46 -9.57 5.48
N TYR B 298 19.09 -9.68 4.30
CA TYR B 298 19.68 -10.95 3.87
C TYR B 298 21.18 -11.07 4.07
N ALA B 299 21.83 -9.97 4.47
CA ALA B 299 23.25 -9.95 4.78
C ALA B 299 23.51 -10.57 6.16
N THR B 300 24.39 -11.55 6.22
CA THR B 300 24.68 -12.23 7.47
C THR B 300 25.99 -11.75 8.06
N VAL B 301 26.36 -10.51 7.77
CA VAL B 301 27.58 -9.94 8.32
C VAL B 301 27.42 -9.42 9.76
N GLN B 302 28.54 -9.26 10.45
CA GLN B 302 28.48 -8.97 11.87
C GLN B 302 28.39 -7.49 12.18
N SER B 303 28.14 -7.17 13.45
CA SER B 303 27.86 -5.81 13.89
C SER B 303 28.85 -4.76 13.34
N TYR B 304 30.14 -5.03 13.54
CA TYR B 304 31.17 -4.06 13.18
C TYR B 304 31.15 -3.75 11.69
N ASP B 305 31.02 -4.75 10.85
CA ASP B 305 30.80 -4.53 9.39
C ASP B 305 29.58 -3.69 9.03
N LEU B 306 28.47 -3.92 9.71
CA LEU B 306 27.28 -3.11 9.55
C LEU B 306 27.53 -1.67 9.97
N VAL B 307 28.20 -1.47 11.10
CA VAL B 307 28.54 -0.11 11.60
C VAL B 307 29.36 0.65 10.57
N LYS B 308 30.35 -0.03 9.97
CA LYS B 308 31.21 0.65 8.99
C LYS B 308 30.40 1.20 7.84
N LEU B 309 29.44 0.41 7.35
CA LEU B 309 28.54 0.84 6.31
C LEU B 309 27.58 1.93 6.79
N LEU B 310 26.91 1.74 7.92
CA LEU B 310 25.94 2.71 8.36
C LEU B 310 26.55 4.07 8.70
N CYS B 311 27.79 4.07 9.16
CA CYS B 311 28.54 5.32 9.30
C CYS B 311 28.59 6.20 8.03
N GLN B 312 28.41 5.60 6.86
CA GLN B 312 28.50 6.32 5.58
C GLN B 312 27.15 6.81 5.11
N CYS B 313 26.09 6.59 5.91
CA CYS B 313 24.73 6.79 5.46
C CYS B 313 23.95 7.88 6.21
N PRO B 314 24.37 9.16 6.13
CA PRO B 314 23.70 10.20 6.93
C PRO B 314 22.28 10.56 6.49
N LYS B 315 21.92 10.22 5.25
CA LYS B 315 20.62 10.54 4.73
C LYS B 315 19.59 9.42 4.86
N LEU B 316 20.01 8.33 5.48
CA LEU B 316 19.16 7.16 5.58
C LEU B 316 17.83 7.48 6.25
N GLN B 317 16.76 7.00 5.61
CA GLN B 317 15.41 7.19 6.08
C GLN B 317 14.76 5.86 6.48
N ARG B 318 15.19 4.77 5.85
CA ARG B 318 14.57 3.46 6.11
C ARG B 318 15.67 2.46 6.14
N LEU B 319 15.74 1.69 7.24
CA LEU B 319 16.74 0.66 7.38
C LEU B 319 16.06 -0.64 7.80
N TRP B 320 16.32 -1.71 7.04
CA TRP B 320 15.94 -3.05 7.45
C TRP B 320 17.25 -3.79 7.65
N VAL B 321 17.41 -4.45 8.81
CA VAL B 321 18.69 -5.07 9.18
C VAL B 321 18.42 -6.30 10.02
N LEU B 322 19.38 -7.21 10.08
CA LEU B 322 19.26 -8.35 11.01
C LEU B 322 19.73 -7.95 12.39
N ASP B 323 19.31 -8.69 13.43
CA ASP B 323 19.73 -8.36 14.82
C ASP B 323 21.23 -8.46 15.06
N TYR B 324 21.97 -8.99 14.07
CA TYR B 324 23.47 -8.89 14.06
C TYR B 324 23.96 -7.47 14.24
N ILE B 325 23.13 -6.48 13.89
CA ILE B 325 23.48 -5.07 14.22
C ILE B 325 23.89 -4.93 15.70
N GLU B 326 23.12 -5.56 16.60
CA GLU B 326 23.37 -5.56 18.06
C GLU B 326 23.06 -4.22 18.71
N ASP B 327 23.10 -4.15 20.03
CA ASP B 327 22.78 -2.89 20.73
C ASP B 327 23.85 -1.83 20.36
N ALA B 328 25.07 -2.29 20.25
CA ALA B 328 26.22 -1.41 19.93
C ALA B 328 26.05 -0.72 18.55
N GLY B 329 25.56 -1.49 17.60
CA GLY B 329 25.36 -0.98 16.25
C GLY B 329 24.23 0.02 16.24
N LEU B 330 23.18 -0.23 17.03
CA LEU B 330 22.01 0.68 17.06
C LEU B 330 22.34 2.01 17.77
N GLU B 331 23.30 1.97 18.68
CA GLU B 331 23.75 3.19 19.35
C GLU B 331 24.46 4.06 18.30
N VAL B 332 25.22 3.43 17.41
CA VAL B 332 25.91 4.17 16.34
C VAL B 332 24.89 4.70 15.34
N LEU B 333 23.91 3.87 14.98
CA LEU B 333 22.77 4.31 14.15
C LEU B 333 22.04 5.54 14.70
N ALA B 334 21.78 5.56 16.01
CA ALA B 334 21.06 6.68 16.63
C ALA B 334 21.86 7.99 16.59
N SER B 335 23.18 7.83 16.58
CA SER B 335 24.10 8.94 16.45
C SER B 335 24.22 9.53 15.06
N THR B 336 24.08 8.70 14.04
CA THR B 336 24.45 9.08 12.71
C THR B 336 23.27 9.30 11.77
N CYS B 337 22.16 8.59 11.97
CA CYS B 337 21.06 8.73 11.02
C CYS B 337 19.92 9.55 11.59
N LYS B 338 20.09 10.88 11.58
CA LYS B 338 19.10 11.75 12.23
C LYS B 338 17.81 11.91 11.44
N ASP B 339 17.82 11.49 10.16
CA ASP B 339 16.60 11.49 9.34
C ASP B 339 15.89 10.12 9.29
N LEU B 340 16.32 9.13 10.09
CA LEU B 340 15.68 7.81 10.09
C LEU B 340 14.19 7.89 10.44
N ARG B 341 13.34 7.28 9.60
CA ARG B 341 11.89 7.29 9.81
C ARG B 341 11.37 5.90 10.14
N GLU B 342 12.13 4.89 9.76
CA GLU B 342 11.68 3.48 9.87
C GLU B 342 12.83 2.56 10.09
N LEU B 343 12.67 1.71 11.09
CA LEU B 343 13.65 0.71 11.40
C LEU B 343 12.99 -0.65 11.54
N ARG B 344 13.53 -1.63 10.85
CA ARG B 344 13.05 -3.02 11.06
C ARG B 344 14.24 -3.86 11.40
N VAL B 345 14.20 -4.54 12.54
CA VAL B 345 15.29 -5.41 12.94
C VAL B 345 14.74 -6.82 12.99
N PHE B 346 15.21 -7.67 12.09
CA PHE B 346 14.68 -9.03 11.96
C PHE B 346 15.56 -10.01 12.72
N PRO B 347 15.01 -11.16 13.10
CA PRO B 347 15.81 -12.17 13.87
C PRO B 347 16.70 -12.99 12.94
N SER B 348 17.97 -13.14 13.30
CA SER B 348 18.88 -13.99 12.52
C SER B 348 18.66 -15.48 12.81
N GLU B 349 18.33 -15.80 14.05
CA GLU B 349 18.03 -17.18 14.40
C GLU B 349 16.68 -17.21 15.16
N PRO B 350 15.56 -16.99 14.44
CA PRO B 350 14.29 -16.82 15.12
C PRO B 350 13.85 -18.08 15.87
N PHE B 351 14.36 -19.24 15.45
CA PHE B 351 13.93 -20.48 16.04
C PHE B 351 14.87 -21.06 17.10
N VAL B 352 15.80 -20.27 17.61
CA VAL B 352 16.59 -20.71 18.76
C VAL B 352 16.22 -19.83 19.95
N MET B 353 16.07 -20.45 21.11
CA MET B 353 15.61 -19.70 22.28
C MET B 353 16.69 -18.89 22.98
N GLU B 354 17.87 -19.48 23.13
CA GLU B 354 19.01 -18.77 23.69
C GLU B 354 19.51 -17.74 22.67
N PRO B 355 19.77 -16.51 23.11
CA PRO B 355 20.22 -15.45 22.18
C PRO B 355 21.58 -15.73 21.57
N ASN B 356 21.70 -15.40 20.29
CA ASN B 356 22.90 -15.61 19.54
C ASN B 356 23.57 -14.28 19.25
N VAL B 357 22.92 -13.21 19.66
CA VAL B 357 23.40 -11.86 19.46
C VAL B 357 23.09 -11.00 20.67
N ALA B 358 23.89 -9.96 20.87
CA ALA B 358 23.66 -9.01 21.93
C ALA B 358 22.74 -7.92 21.43
N LEU B 359 21.49 -8.30 21.17
CA LEU B 359 20.46 -7.34 20.79
C LEU B 359 19.31 -7.47 21.79
N THR B 360 19.04 -6.38 22.49
CA THR B 360 18.10 -6.42 23.59
C THR B 360 17.22 -5.18 23.48
N GLU B 361 16.50 -4.87 24.55
CA GLU B 361 15.65 -3.70 24.55
C GLU B 361 16.45 -2.40 24.44
N GLN B 362 17.70 -2.37 24.94
CA GLN B 362 18.51 -1.15 24.93
C GLN B 362 18.73 -0.57 23.50
N GLY B 363 18.91 -1.45 22.51
CA GLY B 363 19.06 -0.99 21.12
C GLY B 363 17.90 -0.10 20.72
N LEU B 364 16.67 -0.55 21.02
CA LEU B 364 15.46 0.18 20.60
C LEU B 364 15.34 1.47 21.39
N VAL B 365 15.69 1.44 22.66
CA VAL B 365 15.74 2.66 23.49
C VAL B 365 16.73 3.65 22.89
N SER B 366 17.90 3.16 22.48
CA SER B 366 18.93 4.04 21.88
C SER B 366 18.41 4.77 20.68
N VAL B 367 17.82 4.04 19.74
CA VAL B 367 17.26 4.69 18.56
C VAL B 367 16.08 5.60 18.86
N SER B 368 15.27 5.26 19.87
CA SER B 368 14.12 6.12 20.14
C SER B 368 14.58 7.46 20.66
N MET B 369 15.70 7.46 21.36
CA MET B 369 16.25 8.70 21.95
C MET B 369 16.93 9.52 20.86
N GLY B 370 17.68 8.88 19.97
CA GLY B 370 18.53 9.58 19.03
C GLY B 370 17.94 9.97 17.68
N CYS B 371 16.84 9.33 17.30
CA CYS B 371 16.25 9.55 15.97
C CYS B 371 14.91 10.25 16.03
N PRO B 372 14.91 11.58 15.90
CA PRO B 372 13.73 12.35 16.19
C PRO B 372 12.57 12.13 15.22
N LYS B 373 12.80 11.55 14.06
CA LYS B 373 11.72 11.40 13.06
C LYS B 373 11.29 9.93 12.96
N LEU B 374 11.87 9.10 13.84
CA LEU B 374 11.59 7.66 13.87
C LEU B 374 10.09 7.48 14.22
N GLU B 375 9.31 6.95 13.27
CA GLU B 375 7.88 6.78 13.53
C GLU B 375 7.38 5.37 13.20
N SER B 376 8.23 4.50 12.67
CA SER B 376 7.82 3.14 12.32
C SER B 376 8.87 2.13 12.73
N VAL B 377 8.50 1.18 13.59
CA VAL B 377 9.48 0.22 14.10
C VAL B 377 8.88 -1.18 13.98
N LEU B 378 9.67 -2.13 13.48
CA LEU B 378 9.38 -3.55 13.70
C LEU B 378 10.61 -4.14 14.33
N TYR B 379 10.47 -4.75 15.50
CA TYR B 379 11.69 -5.12 16.24
C TYR B 379 11.49 -6.48 16.85
N PHE B 380 12.39 -7.42 16.57
CA PHE B 380 12.32 -8.78 17.09
C PHE B 380 13.45 -8.88 18.11
N CYS B 381 13.09 -9.20 19.35
CA CYS B 381 14.10 -9.43 20.37
C CYS B 381 13.69 -10.55 21.34
N ARG B 382 14.55 -10.85 22.30
CA ARG B 382 14.28 -11.99 23.18
C ARG B 382 13.90 -11.57 24.58
N GLN B 383 14.12 -10.29 24.88
CA GLN B 383 13.83 -9.72 26.21
C GLN B 383 13.31 -8.31 26.09
N MET B 384 12.53 -7.89 27.08
CA MET B 384 11.94 -6.57 27.12
C MET B 384 11.62 -6.22 28.57
N THR B 385 11.58 -4.91 28.84
CA THR B 385 11.12 -4.37 30.10
C THR B 385 10.05 -3.31 29.90
N ASN B 386 9.20 -3.14 30.93
CA ASN B 386 8.30 -2.02 31.00
C ASN B 386 9.04 -0.69 31.04
N ALA B 387 10.16 -0.61 31.78
CA ALA B 387 10.94 0.62 31.79
C ALA B 387 11.37 1.01 30.37
N ALA B 388 11.82 0.04 29.56
CA ALA B 388 12.24 0.36 28.17
C ALA B 388 11.08 0.90 27.37
N LEU B 389 9.94 0.19 27.43
CA LEU B 389 8.75 0.61 26.67
C LEU B 389 8.25 1.98 27.08
N ILE B 390 8.29 2.26 28.38
CA ILE B 390 7.93 3.59 28.85
C ILE B 390 8.89 4.70 28.33
N THR B 391 10.18 4.42 28.32
CA THR B 391 11.18 5.38 27.82
C THR B 391 11.00 5.62 26.30
N ILE B 392 10.78 4.53 25.56
CA ILE B 392 10.45 4.62 24.12
C ILE B 392 9.22 5.52 23.88
N ALA B 393 8.13 5.25 24.62
CA ALA B 393 6.90 6.02 24.47
C ALA B 393 7.11 7.49 24.76
N ARG B 394 7.88 7.75 25.82
CA ARG B 394 8.12 9.14 26.20
C ARG B 394 9.03 9.85 25.20
N ASN B 395 9.97 9.11 24.60
CA ASN B 395 10.92 9.72 23.68
C ASN B 395 10.29 10.01 22.32
N ARG B 396 9.45 9.08 21.87
CA ARG B 396 8.82 9.15 20.54
C ARG B 396 7.28 9.24 20.51
N PRO B 397 6.70 10.36 20.97
CA PRO B 397 5.25 10.50 20.94
C PRO B 397 4.70 10.57 19.50
N ASN B 398 5.59 10.71 18.54
CA ASN B 398 5.21 10.80 17.11
C ASN B 398 5.13 9.42 16.42
N MET B 399 5.39 8.36 17.18
CA MET B 399 5.35 6.99 16.62
C MET B 399 4.01 6.70 15.97
N THR B 400 4.01 6.19 14.74
CA THR B 400 2.76 5.85 14.07
C THR B 400 2.56 4.34 13.86
N ARG B 401 3.64 3.59 13.80
CA ARG B 401 3.53 2.11 13.65
C ARG B 401 4.53 1.46 14.60
N PHE B 402 4.07 0.64 15.52
CA PHE B 402 4.99 0.03 16.51
C PHE B 402 4.68 -1.47 16.64
N ARG B 403 5.62 -2.28 16.19
CA ARG B 403 5.44 -3.73 16.13
C ARG B 403 6.59 -4.40 16.87
N LEU B 404 6.27 -5.05 17.98
CA LEU B 404 7.32 -5.60 18.82
C LEU B 404 7.06 -7.07 19.10
N CYS B 405 7.98 -7.89 18.62
CA CYS B 405 7.88 -9.30 18.73
C CYS B 405 8.95 -9.83 19.70
N ILE B 406 8.49 -10.29 20.84
CA ILE B 406 9.39 -10.98 21.78
C ILE B 406 9.24 -12.44 21.40
N ILE B 407 10.37 -13.08 21.13
CA ILE B 407 10.41 -14.36 20.49
C ILE B 407 9.75 -15.47 21.34
N GLU B 408 9.97 -15.48 22.65
CA GLU B 408 9.29 -16.44 23.53
C GLU B 408 7.90 -15.94 23.89
N PRO B 409 6.85 -16.72 23.57
CA PRO B 409 5.47 -16.39 23.93
C PRO B 409 5.36 -16.20 25.43
N LYS B 410 4.69 -15.13 25.84
CA LYS B 410 4.36 -14.85 27.24
C LYS B 410 5.55 -14.52 28.13
N ALA B 411 6.68 -14.11 27.55
CA ALA B 411 7.81 -13.66 28.37
C ALA B 411 7.45 -12.40 29.12
N PRO B 412 7.63 -12.42 30.45
CA PRO B 412 7.42 -11.22 31.27
C PRO B 412 8.59 -10.26 31.18
N ASP B 413 8.43 -9.06 31.73
CA ASP B 413 9.54 -8.14 31.95
C ASP B 413 10.64 -8.95 32.67
N TYR B 414 11.84 -9.06 32.06
CA TYR B 414 12.87 -9.94 32.60
C TYR B 414 13.50 -9.49 33.94
N LEU B 415 13.31 -8.21 34.29
CA LEU B 415 13.86 -7.61 35.51
C LEU B 415 12.85 -7.65 36.66
N THR B 416 11.57 -7.40 36.38
CA THR B 416 10.54 -7.38 37.44
C THR B 416 9.61 -8.60 37.42
N LEU B 417 9.59 -9.33 36.30
CA LEU B 417 8.72 -10.51 36.08
C LEU B 417 7.25 -10.16 35.92
N GLU B 418 6.96 -8.87 35.83
CA GLU B 418 5.61 -8.35 35.62
C GLU B 418 5.15 -8.49 34.14
N PRO B 419 3.82 -8.50 33.91
CA PRO B 419 3.31 -8.43 32.52
C PRO B 419 3.78 -7.14 31.86
N LEU B 420 3.76 -7.11 30.54
CA LEU B 420 4.17 -5.88 29.85
C LEU B 420 3.00 -4.90 29.62
N ASP B 421 1.93 -5.05 30.41
CA ASP B 421 0.77 -4.19 30.26
C ASP B 421 1.12 -2.71 30.35
N ILE B 422 1.88 -2.34 31.39
CA ILE B 422 2.14 -0.91 31.61
C ILE B 422 3.05 -0.34 30.50
N GLY B 423 3.99 -1.15 30.01
CA GLY B 423 4.90 -0.77 28.90
C GLY B 423 4.10 -0.47 27.64
N PHE B 424 3.32 -1.44 27.18
CA PHE B 424 2.47 -1.12 26.04
C PHE B 424 1.41 -0.09 26.29
N GLY B 425 0.93 0.01 27.54
CA GLY B 425 -0.04 1.07 27.90
C GLY B 425 0.58 2.45 27.74
N ALA B 426 1.87 2.57 28.05
CA ALA B 426 2.56 3.82 27.83
C ALA B 426 2.62 4.18 26.33
N ILE B 427 2.88 3.19 25.47
CA ILE B 427 2.92 3.40 24.01
C ILE B 427 1.61 3.98 23.48
N VAL B 428 0.50 3.36 23.86
CA VAL B 428 -0.81 3.82 23.34
C VAL B 428 -1.23 5.12 23.99
N GLU B 429 -0.80 5.34 25.24
CA GLU B 429 -1.12 6.60 25.94
C GLU B 429 -0.36 7.76 25.31
N HIS B 430 0.94 7.57 25.08
CA HIS B 430 1.84 8.66 24.63
C HIS B 430 1.90 8.94 23.12
N CYS B 431 1.57 7.93 22.32
CA CYS B 431 1.72 8.01 20.87
C CYS B 431 0.32 8.16 20.30
N LYS B 432 -0.18 9.38 20.30
CA LYS B 432 -1.58 9.62 20.04
C LYS B 432 -2.01 9.32 18.61
N ASP B 433 -1.04 9.28 17.70
CA ASP B 433 -1.35 9.02 16.30
C ASP B 433 -0.91 7.63 15.87
N LEU B 434 -0.77 6.73 16.82
CA LEU B 434 -0.40 5.35 16.54
C LEU B 434 -1.50 4.69 15.71
N ARG B 435 -1.17 4.29 14.47
CA ARG B 435 -2.14 3.62 13.56
C ARG B 435 -2.00 2.08 13.52
N ARG B 436 -0.91 1.53 14.04
CA ARG B 436 -0.66 0.11 13.99
C ARG B 436 0.11 -0.29 15.19
N LEU B 437 -0.30 -1.41 15.77
CA LEU B 437 0.36 -1.94 16.97
C LEU B 437 0.39 -3.45 16.82
N SER B 438 1.54 -4.07 17.06
CA SER B 438 1.53 -5.48 17.41
C SER B 438 2.33 -5.61 18.68
N LEU B 439 1.81 -6.41 19.62
CA LEU B 439 2.50 -6.51 20.91
C LEU B 439 2.60 -7.99 21.30
N SER B 440 3.49 -8.28 22.24
CA SER B 440 3.72 -9.66 22.60
C SER B 440 4.31 -9.60 24.01
N GLY B 441 4.78 -10.75 24.50
CA GLY B 441 5.23 -10.82 25.90
C GLY B 441 4.04 -11.21 26.78
N LEU B 442 4.29 -11.31 28.08
CA LEU B 442 3.23 -11.59 29.04
C LEU B 442 2.26 -10.42 29.13
N LEU B 443 0.99 -10.67 28.78
CA LEU B 443 -0.02 -9.62 28.74
C LEU B 443 -1.33 -10.12 29.35
N THR B 444 -1.93 -9.28 30.18
CA THR B 444 -3.23 -9.56 30.79
C THR B 444 -4.36 -8.73 30.14
N ASP B 445 -5.60 -8.85 30.62
CA ASP B 445 -6.71 -8.04 30.09
C ASP B 445 -6.45 -6.56 30.25
N LYS B 446 -5.61 -6.20 31.21
CA LYS B 446 -5.34 -4.79 31.49
C LYS B 446 -4.71 -4.07 30.32
N VAL B 447 -3.84 -4.73 29.56
CA VAL B 447 -3.25 -4.05 28.40
C VAL B 447 -4.34 -3.70 27.36
N PHE B 448 -5.35 -4.57 27.24
CA PHE B 448 -6.43 -4.34 26.28
C PHE B 448 -7.33 -3.21 26.79
N GLU B 449 -7.45 -3.07 28.11
CA GLU B 449 -8.14 -1.90 28.69
C GLU B 449 -7.43 -0.59 28.33
N TYR B 450 -6.10 -0.57 28.49
CA TYR B 450 -5.32 0.59 28.00
C TYR B 450 -5.51 0.87 26.50
N ILE B 451 -5.42 -0.18 25.70
CA ILE B 451 -5.61 -0.05 24.23
C ILE B 451 -6.98 0.56 23.96
N GLY B 452 -8.02 0.03 24.61
CA GLY B 452 -9.35 0.55 24.35
C GLY B 452 -9.57 1.99 24.77
N THR B 453 -8.91 2.40 25.86
CA THR B 453 -9.02 3.76 26.39
C THR B 453 -8.21 4.74 25.57
N TYR B 454 -6.99 4.35 25.16
CA TYR B 454 -6.02 5.29 24.61
C TYR B 454 -5.76 5.23 23.11
N ALA B 455 -5.91 4.04 22.53
CA ALA B 455 -5.50 3.84 21.12
C ALA B 455 -6.64 4.20 20.15
N LYS B 456 -7.02 5.47 20.14
CA LYS B 456 -8.18 5.91 19.36
C LYS B 456 -7.95 6.08 17.85
N LYS B 457 -6.68 6.09 17.43
CA LYS B 457 -6.32 6.20 16.02
C LYS B 457 -5.81 4.90 15.44
N MET B 458 -5.74 3.86 16.28
CA MET B 458 -5.22 2.56 15.85
C MET B 458 -6.16 1.93 14.83
N GLU B 459 -5.57 1.59 13.66
CA GLU B 459 -6.28 0.97 12.55
C GLU B 459 -6.04 -0.53 12.45
N MET B 460 -4.90 -1.03 12.91
CA MET B 460 -4.59 -2.46 12.70
C MET B 460 -3.94 -2.92 13.99
N LEU B 461 -4.42 -4.02 14.55
CA LEU B 461 -3.85 -4.56 15.79
C LEU B 461 -3.62 -6.04 15.60
N SER B 462 -2.45 -6.54 16.00
CA SER B 462 -2.13 -7.96 15.90
C SER B 462 -1.77 -8.42 17.31
N VAL B 463 -2.33 -9.55 17.76
CA VAL B 463 -2.24 -9.98 19.16
C VAL B 463 -1.96 -11.48 19.14
N ALA B 464 -1.06 -12.01 19.98
CA ALA B 464 -0.91 -13.46 20.03
C ALA B 464 -0.61 -13.85 21.46
N PHE B 465 -1.12 -15.00 21.93
CA PHE B 465 -0.78 -15.48 23.31
C PHE B 465 -0.91 -14.40 24.37
N ALA B 466 -2.08 -13.79 24.45
CA ALA B 466 -2.27 -12.61 25.31
C ALA B 466 -3.67 -12.58 25.93
N GLY B 467 -3.75 -11.96 27.11
CA GLY B 467 -5.04 -11.69 27.77
C GLY B 467 -5.52 -12.85 28.62
N ASP B 468 -6.60 -12.58 29.37
CA ASP B 468 -7.13 -13.54 30.35
C ASP B 468 -8.56 -14.00 30.07
N SER B 469 -9.36 -13.11 29.48
CA SER B 469 -10.79 -13.41 29.34
C SER B 469 -11.39 -12.57 28.21
N ASP B 470 -12.69 -12.75 27.97
CA ASP B 470 -13.36 -11.94 26.94
C ASP B 470 -13.36 -10.44 27.18
N LEU B 471 -13.21 -10.01 28.43
CA LEU B 471 -13.09 -8.56 28.73
C LEU B 471 -12.03 -7.89 27.89
N GLY B 472 -10.96 -8.63 27.58
CA GLY B 472 -9.84 -8.03 26.88
C GLY B 472 -10.27 -7.65 25.45
N MET B 473 -10.85 -8.59 24.73
CA MET B 473 -11.31 -8.29 23.37
C MET B 473 -12.44 -7.30 23.39
N HIS B 474 -13.31 -7.37 24.39
CA HIS B 474 -14.37 -6.39 24.51
C HIS B 474 -13.86 -4.93 24.65
N HIS B 475 -12.82 -4.69 25.44
CA HIS B 475 -12.25 -3.34 25.57
C HIS B 475 -11.79 -2.80 24.21
N VAL B 476 -11.16 -3.67 23.43
CA VAL B 476 -10.67 -3.26 22.10
C VAL B 476 -11.82 -2.97 21.14
N LEU B 477 -12.73 -3.91 20.99
CA LEU B 477 -13.88 -3.67 20.10
C LEU B 477 -14.73 -2.48 20.56
N SER B 478 -14.89 -2.32 21.86
CA SER B 478 -15.69 -1.22 22.38
C SER B 478 -14.98 0.17 22.26
N GLY B 479 -13.67 0.19 22.42
CA GLY B 479 -12.98 1.48 22.60
C GLY B 479 -12.16 1.99 21.43
N CYS B 480 -11.79 1.09 20.52
CA CYS B 480 -10.88 1.45 19.42
C CYS B 480 -11.61 2.01 18.23
N ASP B 481 -11.87 3.33 18.31
CA ASP B 481 -12.70 4.04 17.34
C ASP B 481 -12.27 3.85 15.88
N SER B 482 -10.97 3.74 15.61
CA SER B 482 -10.50 3.75 14.21
C SER B 482 -10.18 2.38 13.64
N LEU B 483 -10.49 1.35 14.40
CA LEU B 483 -10.07 0.01 14.08
C LEU B 483 -10.62 -0.48 12.73
N ARG B 484 -9.71 -1.01 11.92
CA ARG B 484 -10.05 -1.53 10.61
C ARG B 484 -9.76 -3.02 10.50
N LYS B 485 -8.64 -3.47 11.08
CA LYS B 485 -8.28 -4.89 11.00
C LYS B 485 -7.80 -5.34 12.36
N LEU B 486 -8.35 -6.44 12.84
CA LEU B 486 -7.91 -6.99 14.13
C LEU B 486 -7.57 -8.45 13.82
N GLU B 487 -6.40 -8.93 14.25
CA GLU B 487 -6.01 -10.31 13.98
C GLU B 487 -5.45 -10.90 15.23
N ILE B 488 -5.99 -12.06 15.63
CA ILE B 488 -5.74 -12.58 16.96
C ILE B 488 -5.42 -14.05 16.89
N ARG B 489 -4.41 -14.51 17.63
CA ARG B 489 -4.21 -15.95 17.69
C ARG B 489 -3.87 -16.37 19.11
N ASP B 490 -4.35 -17.55 19.45
CA ASP B 490 -4.00 -18.19 20.70
C ASP B 490 -4.30 -17.37 21.92
N CYS B 491 -5.48 -16.76 21.97
CA CYS B 491 -5.90 -15.94 23.12
C CYS B 491 -7.21 -16.49 23.68
N PRO B 492 -7.45 -16.34 25.00
CA PRO B 492 -8.68 -16.82 25.63
C PRO B 492 -9.87 -15.88 25.38
N PHE B 493 -10.15 -15.57 24.11
CA PHE B 493 -11.25 -14.70 23.70
C PHE B 493 -12.22 -15.54 22.90
N GLY B 494 -13.52 -15.25 23.05
CA GLY B 494 -14.49 -16.14 22.45
C GLY B 494 -15.82 -15.55 22.12
N ASP B 495 -16.83 -16.32 22.47
CA ASP B 495 -18.20 -16.00 22.11
C ASP B 495 -18.64 -14.66 22.67
N LYS B 496 -18.34 -14.41 23.94
CA LYS B 496 -19.00 -13.31 24.65
C LYS B 496 -18.64 -11.97 24.02
N ALA B 497 -17.34 -11.73 23.81
CA ALA B 497 -16.89 -10.41 23.32
C ALA B 497 -17.30 -10.18 21.87
N LEU B 498 -17.28 -11.27 21.11
CA LEU B 498 -17.63 -11.24 19.72
C LEU B 498 -19.09 -10.88 19.54
N LEU B 499 -19.97 -11.62 20.21
CA LEU B 499 -21.40 -11.34 20.09
C LEU B 499 -21.81 -9.99 20.69
N ALA B 500 -21.19 -9.63 21.82
CA ALA B 500 -21.56 -8.36 22.46
C ALA B 500 -21.18 -7.18 21.61
N ASN B 501 -20.22 -7.36 20.70
CA ASN B 501 -19.77 -6.27 19.86
C ASN B 501 -20.00 -6.49 18.37
N ALA B 502 -21.05 -7.23 18.01
CA ALA B 502 -21.28 -7.64 16.63
C ALA B 502 -21.40 -6.47 15.66
N SER B 503 -22.06 -5.37 16.05
CA SER B 503 -22.20 -4.24 15.12
C SER B 503 -20.88 -3.53 14.80
N LYS B 504 -19.91 -3.64 15.72
CA LYS B 504 -18.57 -3.08 15.49
C LYS B 504 -17.96 -3.68 14.23
N LEU B 505 -18.30 -4.94 13.93
CA LEU B 505 -17.66 -5.67 12.86
C LEU B 505 -18.04 -5.14 11.48
N GLU B 506 -19.18 -4.46 11.39
CA GLU B 506 -19.57 -3.78 10.15
C GLU B 506 -18.78 -2.52 9.88
N THR B 507 -17.97 -2.09 10.86
CA THR B 507 -17.13 -0.89 10.71
C THR B 507 -15.68 -1.21 10.39
N MET B 508 -15.37 -2.48 10.18
CA MET B 508 -14.01 -2.97 10.08
C MET B 508 -13.81 -3.72 8.78
N ARG B 509 -12.60 -3.76 8.24
CA ARG B 509 -12.40 -4.63 7.07
C ARG B 509 -12.63 -6.11 7.44
N SER B 510 -12.02 -6.54 8.56
CA SER B 510 -12.03 -7.96 8.88
C SER B 510 -11.58 -8.20 10.31
N LEU B 511 -11.93 -9.38 10.81
CA LEU B 511 -11.47 -9.83 12.11
C LEU B 511 -11.05 -11.30 11.87
N TRP B 512 -9.82 -11.64 12.29
CA TRP B 512 -9.28 -13.02 12.20
C TRP B 512 -9.08 -13.50 13.60
N MET B 513 -9.55 -14.71 13.92
CA MET B 513 -9.31 -15.30 15.23
C MET B 513 -8.98 -16.77 14.99
N SER B 514 -7.77 -17.18 15.40
CA SER B 514 -7.40 -18.61 15.27
C SER B 514 -6.90 -19.13 16.60
N SER B 515 -7.24 -20.40 16.91
CA SER B 515 -6.87 -21.01 18.18
C SER B 515 -7.33 -20.23 19.39
N CYS B 516 -8.51 -19.61 19.25
CA CYS B 516 -9.13 -18.86 20.35
C CYS B 516 -10.25 -19.72 20.95
N SER B 517 -11.23 -19.11 21.60
CA SER B 517 -12.29 -19.91 22.26
C SER B 517 -13.67 -19.77 21.63
N VAL B 518 -13.72 -19.36 20.38
CA VAL B 518 -14.98 -19.09 19.70
C VAL B 518 -15.67 -20.39 19.30
N SER B 519 -16.91 -20.61 19.77
CA SER B 519 -17.58 -21.89 19.54
C SER B 519 -18.25 -21.89 18.18
N PHE B 520 -18.47 -23.07 17.61
CA PHE B 520 -19.29 -23.15 16.41
C PHE B 520 -20.66 -22.49 16.63
N GLY B 521 -21.23 -22.68 17.83
CA GLY B 521 -22.55 -22.10 18.11
C GLY B 521 -22.60 -20.58 17.97
N ALA B 522 -21.56 -19.91 18.42
CA ALA B 522 -21.51 -18.45 18.35
C ALA B 522 -21.30 -17.98 16.91
N CYS B 523 -20.51 -18.71 16.13
CA CYS B 523 -20.36 -18.42 14.71
C CYS B 523 -21.69 -18.52 13.96
N LYS B 524 -22.46 -19.58 14.20
CA LYS B 524 -23.80 -19.68 13.61
C LYS B 524 -24.70 -18.51 13.99
N LEU B 525 -24.72 -18.17 15.27
CA LEU B 525 -25.56 -17.06 15.71
C LEU B 525 -25.08 -15.73 15.14
N LEU B 526 -23.78 -15.52 15.10
CA LEU B 526 -23.26 -14.27 14.53
C LEU B 526 -23.63 -14.16 13.06
N GLY B 527 -23.57 -15.29 12.35
CA GLY B 527 -23.97 -15.33 10.96
C GLY B 527 -25.43 -15.04 10.71
N GLN B 528 -26.28 -15.46 11.65
CA GLN B 528 -27.72 -15.25 11.61
C GLN B 528 -28.04 -13.80 11.82
N LYS B 529 -27.40 -13.25 12.85
CA LYS B 529 -27.60 -11.89 13.27
C LYS B 529 -27.13 -10.84 12.26
N MET B 530 -26.00 -11.11 11.62
CA MET B 530 -25.31 -10.15 10.77
C MET B 530 -25.23 -10.69 9.35
N PRO B 531 -26.34 -10.60 8.59
CA PRO B 531 -26.29 -11.22 7.29
C PRO B 531 -25.38 -10.48 6.30
N LYS B 532 -24.97 -9.25 6.60
CA LYS B 532 -24.01 -8.54 5.74
C LYS B 532 -22.54 -8.79 6.11
N LEU B 533 -22.30 -9.67 7.08
CA LEU B 533 -20.98 -10.21 7.33
C LEU B 533 -20.84 -11.60 6.69
N ASN B 534 -19.68 -11.92 6.15
CA ASN B 534 -19.37 -13.32 5.84
C ASN B 534 -18.63 -13.85 7.05
N VAL B 535 -19.21 -14.83 7.70
CA VAL B 535 -18.57 -15.43 8.88
C VAL B 535 -18.07 -16.77 8.41
N GLU B 536 -16.75 -16.93 8.29
CA GLU B 536 -16.19 -18.14 7.68
C GLU B 536 -15.45 -18.95 8.72
N VAL B 537 -15.91 -20.16 8.97
CA VAL B 537 -15.21 -21.09 9.85
C VAL B 537 -14.25 -21.86 8.95
N ILE B 538 -12.99 -21.94 9.34
CA ILE B 538 -11.95 -22.53 8.50
C ILE B 538 -11.35 -23.58 9.40
N ASP B 539 -11.67 -24.85 9.15
CA ASP B 539 -11.43 -25.91 10.10
C ASP B 539 -11.21 -27.20 9.30
N GLU B 540 -10.09 -27.86 9.54
CA GLU B 540 -9.75 -29.03 8.71
C GLU B 540 -10.17 -30.35 9.38
N ARG B 541 -10.97 -30.28 10.45
CA ARG B 541 -11.45 -31.53 11.09
C ARG B 541 -12.74 -32.08 10.48
N GLY B 542 -13.22 -31.54 9.37
CA GLY B 542 -14.50 -31.97 8.81
C GLY B 542 -15.64 -31.11 9.34
N ALA B 543 -16.86 -31.48 8.96
CA ALA B 543 -18.08 -30.73 9.30
C ALA B 543 -18.10 -30.30 10.77
N PRO B 544 -18.28 -29.00 11.02
CA PRO B 544 -18.35 -28.48 12.40
C PRO B 544 -19.51 -29.07 13.24
N ASP B 545 -20.66 -29.32 12.63
CA ASP B 545 -21.72 -30.01 13.38
C ASP B 545 -21.57 -31.52 13.58
N SER B 546 -20.38 -32.05 13.30
CA SER B 546 -20.08 -33.42 13.69
C SER B 546 -19.53 -33.37 15.11
N ARG B 547 -19.42 -32.15 15.63
CA ARG B 547 -18.94 -31.90 17.00
C ARG B 547 -20.00 -31.07 17.73
N PRO B 548 -19.99 -31.05 19.07
CA PRO B 548 -20.91 -30.22 19.84
C PRO B 548 -20.86 -28.75 19.43
N GLU B 549 -22.01 -28.07 19.42
CA GLU B 549 -22.09 -26.63 19.11
C GLU B 549 -21.13 -25.83 19.97
N SER B 550 -20.87 -26.30 21.19
CA SER B 550 -19.99 -25.58 22.11
C SER B 550 -18.49 -25.68 21.79
N CYS B 551 -18.13 -26.56 20.84
CA CYS B 551 -16.73 -26.82 20.49
C CYS B 551 -16.11 -25.65 19.77
N PRO B 552 -14.95 -25.15 20.27
CA PRO B 552 -14.27 -24.06 19.53
C PRO B 552 -13.86 -24.47 18.12
N VAL B 553 -14.01 -23.54 17.19
CA VAL B 553 -13.54 -23.74 15.83
C VAL B 553 -12.01 -23.50 15.74
N GLU B 554 -11.34 -24.12 14.77
CA GLU B 554 -9.89 -23.90 14.62
C GLU B 554 -9.61 -22.43 14.28
N ARG B 555 -10.37 -21.90 13.32
CA ARG B 555 -10.21 -20.48 12.96
C ARG B 555 -11.52 -19.95 12.53
N VAL B 556 -11.70 -18.65 12.72
CA VAL B 556 -12.83 -17.97 12.11
C VAL B 556 -12.32 -16.64 11.52
N PHE B 557 -12.81 -16.33 10.33
CA PHE B 557 -12.44 -15.10 9.64
C PHE B 557 -13.74 -14.42 9.30
N ILE B 558 -13.90 -13.18 9.74
CA ILE B 558 -15.16 -12.47 9.59
C ILE B 558 -14.92 -11.18 8.81
N TYR B 559 -15.69 -10.91 7.77
CA TYR B 559 -15.48 -9.66 7.00
C TYR B 559 -16.80 -9.16 6.41
N ARG B 560 -17.02 -7.85 6.49
CA ARG B 560 -18.18 -7.22 5.83
C ARG B 560 -18.07 -7.30 4.32
N THR B 561 -19.21 -7.44 3.65
CA THR B 561 -19.19 -7.64 2.21
C THR B 561 -20.52 -7.17 1.67
N VAL B 562 -20.48 -6.55 0.50
CA VAL B 562 -21.73 -6.29 -0.21
C VAL B 562 -22.09 -7.37 -1.22
N ALA B 563 -21.24 -8.40 -1.33
CA ALA B 563 -21.42 -9.45 -2.35
C ALA B 563 -22.08 -10.72 -1.83
N GLY B 564 -22.18 -10.87 -0.52
CA GLY B 564 -22.79 -12.05 0.05
C GLY B 564 -21.77 -13.17 0.10
N PRO B 565 -22.23 -14.37 0.49
CA PRO B 565 -21.32 -15.50 0.53
C PRO B 565 -20.57 -15.75 -0.78
N ARG B 566 -19.33 -16.15 -0.56
CA ARG B 566 -18.35 -16.58 -1.51
C ARG B 566 -18.79 -17.79 -2.37
N PHE B 567 -18.42 -17.81 -3.65
CA PHE B 567 -18.73 -18.95 -4.52
C PHE B 567 -17.61 -19.96 -4.70
N ASP B 568 -16.46 -19.68 -4.09
CA ASP B 568 -15.27 -20.45 -4.32
C ASP B 568 -14.64 -21.02 -3.05
N MET B 569 -15.45 -21.27 -2.01
CA MET B 569 -14.94 -21.89 -0.77
C MET B 569 -14.50 -23.33 -1.01
N PRO B 570 -13.38 -23.75 -0.38
CA PRO B 570 -12.97 -25.14 -0.39
C PRO B 570 -13.79 -25.94 0.62
N GLY B 571 -13.48 -27.23 0.75
CA GLY B 571 -14.29 -28.14 1.56
C GLY B 571 -14.14 -27.91 3.06
N PHE B 572 -13.12 -27.12 3.46
CA PHE B 572 -12.81 -26.89 4.86
C PHE B 572 -13.20 -25.47 5.28
N VAL B 573 -13.96 -24.77 4.45
CA VAL B 573 -14.53 -23.45 4.78
C VAL B 573 -16.05 -23.51 4.69
N TRP B 574 -16.71 -23.02 5.75
CA TRP B 574 -18.17 -22.86 5.80
C TRP B 574 -18.57 -21.43 6.16
N ASN B 575 -19.52 -20.91 5.42
CA ASN B 575 -20.09 -19.60 5.67
C ASN B 575 -21.34 -19.84 6.54
N MET B 576 -21.52 -19.00 7.55
CA MET B 576 -22.61 -19.17 8.53
C MET B 576 -23.94 -18.48 8.18
N ASP B 577 -24.11 -18.07 6.93
CA ASP B 577 -25.38 -17.49 6.45
C ASP B 577 -26.31 -18.66 6.02
N GLN B 578 -27.45 -18.35 5.43
CA GLN B 578 -28.40 -19.42 4.98
C GLN B 578 -28.45 -19.73 3.46
N GLN C 1 8.09 -25.82 19.90
CA GLN C 1 7.64 -24.72 18.98
C GLN C 1 6.13 -24.61 18.85
N VAL C 2 5.75 -23.50 18.22
CA VAL C 2 4.37 -23.20 17.94
C VAL C 2 4.33 -22.91 16.43
N VAL C 3 3.26 -23.37 15.77
CA VAL C 3 3.05 -23.09 14.35
C VAL C 3 2.94 -21.58 14.07
N GLY C 4 3.78 -21.10 13.15
CA GLY C 4 3.70 -19.70 12.74
C GLY C 4 4.25 -18.69 13.73
N TRP C 5 4.94 -19.20 14.77
CA TRP C 5 5.63 -18.38 15.76
C TRP C 5 7.12 -18.74 15.87
N PRO C 6 8.02 -17.74 15.89
CA PRO C 6 7.77 -16.29 15.75
C PRO C 6 7.22 -15.95 14.37
N PRO C 7 6.51 -14.81 14.28
CA PRO C 7 5.82 -14.47 13.05
C PRO C 7 6.80 -13.93 11.98
N VAL C 8 7.56 -14.84 11.37
CA VAL C 8 8.50 -14.54 10.27
C VAL C 8 8.24 -15.41 9.04
N ARG C 9 8.80 -15.03 7.90
CA ARG C 9 8.70 -15.83 6.68
C ARG C 9 9.79 -16.91 6.52
N ASN C 10 10.87 -16.81 7.31
CA ASN C 10 12.02 -17.73 7.24
C ASN C 10 11.63 -19.19 7.25
N TYR C 11 12.27 -19.96 6.37
CA TYR C 11 12.24 -21.42 6.43
C TYR C 11 12.72 -21.87 7.80
N ARG C 12 12.12 -22.92 8.34
CA ARG C 12 12.61 -23.47 9.59
C ARG C 12 13.91 -24.22 9.38
N LYS C 13 14.64 -24.32 10.49
CA LYS C 13 16.11 -24.27 10.49
C LYS C 13 16.76 -24.99 9.33
C1 IHP D . -1.45 -1.88 4.97
C2 IHP D . -0.36 -0.85 4.68
C3 IHP D . 0.89 -1.17 5.50
C4 IHP D . 1.45 -2.56 5.16
C5 IHP D . 0.40 -3.59 5.49
C6 IHP D . -0.90 -3.31 4.73
O11 IHP D . -2.43 -1.65 3.97
P1 IHP D . -3.96 -1.20 4.13
O21 IHP D . -4.74 -1.86 3.03
O31 IHP D . -4.46 -1.61 5.59
O41 IHP D . -3.79 0.34 4.10
O12 IHP D . 0.03 -1.06 3.33
P2 IHP D . -0.39 -0.25 1.95
O22 IHP D . -0.65 -1.28 0.90
O32 IHP D . -1.61 0.77 2.30
O42 IHP D . 0.92 0.63 1.77
O13 IHP D . 1.83 -0.16 5.23
P3 IHP D . 2.34 0.75 6.48
O23 IHP D . 1.50 1.98 6.47
O33 IHP D . 3.97 1.00 6.29
O43 IHP D . 2.28 -0.20 7.84
O14 IHP D . 2.52 -2.89 6.04
P4 IHP D . 4.05 -3.19 5.64
O24 IHP D . 4.66 -4.17 6.57
O34 IHP D . 4.21 -3.49 4.16
O44 IHP D . 4.61 -1.72 5.75
O15 IHP D . 0.89 -4.89 5.11
P5 IHP D . 1.05 -6.13 6.13
O25 IHP D . -0.28 -6.40 6.71
O35 IHP D . 2.21 -5.75 7.10
O45 IHP D . 1.49 -7.28 5.21
O16 IHP D . -1.87 -4.22 5.19
P6 IHP D . -2.47 -5.39 4.24
O26 IHP D . -1.93 -5.31 2.87
O36 IHP D . -4.07 -5.19 4.32
O46 IHP D . -2.16 -6.67 5.05
C1 NLA E . 3.13 -10.09 15.45
C2 NLA E . 4.30 -9.30 15.45
C3 NLA E . 4.72 -8.69 16.65
C4 NLA E . 3.98 -8.85 17.82
C5 NLA E . 2.81 -9.60 17.81
C6 NLA E . 2.40 -10.23 16.64
C7 NLA E . 1.22 -10.98 16.68
C8 NLA E . 0.78 -11.66 15.54
C9 NLA E . 1.50 -11.51 14.33
C10 NLA E . 2.68 -10.74 14.26
C11 NLA E . 5.20 -9.06 14.22
C12 NLA E . 4.45 -8.24 13.16
O1 NLA E . 4.59 -8.58 11.97
O2 NLA E . 3.75 -7.27 13.57
#